data_8JWJ
#
_entry.id   8JWJ
#
_cell.length_a   102.304
_cell.length_b   106.825
_cell.length_c   145.759
_cell.angle_alpha   90.000
_cell.angle_beta   90.000
_cell.angle_gamma   90.000
#
_symmetry.space_group_name_H-M   'P 21 21 21'
#
loop_
_entity.id
_entity.type
_entity.pdbx_description
1 polymer 'PHD finger protein 7'
2 polymer 'Ubiquitin-conjugating enzyme E2 D2'
3 non-polymer 'ZINC ION'
4 non-polymer 'SULFATE ION'
5 non-polymer GLYCEROL
6 non-polymer (4S)-2-METHYL-2,4-PENTANEDIOL
#
loop_
_entity_poly.entity_id
_entity_poly.type
_entity_poly.pdbx_seq_one_letter_code
_entity_poly.pdbx_strand_id
1 'polypeptide(L)'
;GPGIQSSSPVCLLCLQEPGDPEKLGEFLQKDNLCVHYFCLILSSRLPQKGQPNRGLHGFMPEDIKREAVRASKKICFVCK
KKGAAIRCQNDQCVQNFHLPCGQERGCLSQFFGEYKSYCRKHRPTQNIHQGSLGEESCVLCCENLSRTSVENIQSPCCSQ
AIYHRKCIQKYAHTSAKHFFKCPQCNNREEFPQEMLRMGIHIPDRDAAWELEPGAFSELYQRYRHCDAPICLYEQGRDSF
EDEGRWRLILCATCGSHGTHRDCSSLRPNSKKWECNECLPASTTSGSTGSGGGSGGLPET
;
A,C
2 'polypeptide(L)'
;GGGILMALKRIHKELNDLARDPPAQCRAGPVGDDMFHWQATIMGPNDSPYQGGVFFLTIHFPTDYPFKPPKVAFTTRIYH
PNINSNGSIKLDILRSQWSPALTISKVLLSICSLLCDPNPDDPLVPEIARIYKTDREKYNRIAREWTQKYAM
;
B,D
#
# COMPACT_ATOMS: atom_id res chain seq x y z
N SER A 8 24.72 38.58 13.00
CA SER A 8 25.69 37.77 13.73
C SER A 8 25.34 37.63 15.21
N PRO A 9 24.26 36.91 15.52
CA PRO A 9 23.87 36.73 16.93
C PRO A 9 24.76 35.72 17.65
N VAL A 10 25.09 36.02 18.90
CA VAL A 10 26.06 35.22 19.64
C VAL A 10 25.64 35.11 21.12
N CYS A 11 26.19 34.09 21.79
CA CYS A 11 25.86 33.78 23.18
C CYS A 11 26.78 34.57 24.11
N LEU A 12 26.18 35.23 25.12
CA LEU A 12 27.01 35.97 26.07
C LEU A 12 27.98 35.07 26.81
N LEU A 13 27.56 33.84 27.14
CA LEU A 13 28.34 33.06 28.06
C LEU A 13 29.44 32.26 27.36
N CYS A 14 29.17 31.75 26.15
CA CYS A 14 30.17 30.97 25.45
C CYS A 14 30.73 31.65 24.22
N LEU A 15 30.07 32.70 23.73
CA LEU A 15 30.58 33.55 22.66
C LEU A 15 30.67 32.80 21.33
N GLN A 16 29.62 32.03 21.00
CA GLN A 16 29.59 31.32 19.73
C GLN A 16 28.17 31.33 19.18
N GLU A 17 28.05 31.02 17.88
CA GLU A 17 26.79 30.97 17.15
C GLU A 17 25.78 30.09 17.88
N PRO A 18 24.48 30.27 17.63
CA PRO A 18 23.46 29.42 18.30
C PRO A 18 23.66 27.92 18.15
N GLY A 19 24.02 27.42 16.97
CA GLY A 19 24.38 26.02 16.84
C GLY A 19 23.23 25.03 16.98
N ASP A 20 23.57 23.83 17.43
CA ASP A 20 22.63 22.71 17.46
C ASP A 20 21.85 22.73 18.75
N PRO A 21 20.53 22.95 18.71
CA PRO A 21 19.74 22.96 19.96
C PRO A 21 19.86 21.66 20.73
N GLU A 22 20.02 20.54 20.04
CA GLU A 22 20.14 19.25 20.72
C GLU A 22 21.32 19.24 21.69
N LYS A 23 22.33 20.06 21.43
CA LYS A 23 23.58 20.02 22.17
C LYS A 23 23.81 21.22 23.10
N LEU A 24 23.33 22.40 22.73
CA LEU A 24 23.49 23.58 23.57
C LEU A 24 22.16 24.14 24.07
N GLY A 25 21.05 23.50 23.76
CA GLY A 25 19.75 23.98 24.16
C GLY A 25 19.21 25.07 23.25
N GLU A 26 17.94 25.40 23.47
CA GLU A 26 17.28 26.46 22.72
C GLU A 26 18.03 27.78 22.91
N PHE A 27 18.23 28.51 21.80
CA PHE A 27 19.02 29.75 21.81
C PHE A 27 18.12 30.90 22.20
N LEU A 28 18.03 31.15 23.51
CA LEU A 28 17.13 32.16 24.05
C LEU A 28 17.63 33.55 23.69
N GLN A 29 16.73 34.41 23.24
CA GLN A 29 17.05 35.82 23.02
C GLN A 29 15.82 36.63 23.39
N LYS A 30 16.02 37.58 24.31
CA LYS A 30 14.94 38.24 25.02
C LYS A 30 15.53 39.40 25.80
N ASP A 31 14.81 40.52 25.83
CA ASP A 31 15.24 41.72 26.56
C ASP A 31 16.66 42.10 26.19
N ASN A 32 16.97 42.05 24.90
CA ASN A 32 18.25 42.43 24.31
C ASN A 32 19.41 41.54 24.77
N LEU A 33 19.13 40.33 25.25
CA LEU A 33 20.15 39.36 25.64
C LEU A 33 20.01 38.07 24.85
N CYS A 34 21.14 37.40 24.64
CA CYS A 34 21.18 36.17 23.83
C CYS A 34 22.05 35.15 24.56
N VAL A 35 21.45 34.02 24.95
CA VAL A 35 22.17 32.96 25.66
C VAL A 35 21.66 31.60 25.22
N HIS A 36 22.56 30.63 25.10
CA HIS A 36 22.14 29.23 25.02
C HIS A 36 21.49 28.82 26.33
N TYR A 37 20.41 28.05 26.24
CA TYR A 37 19.75 27.59 27.45
C TYR A 37 20.67 26.72 28.29
N PHE A 38 21.44 25.83 27.66
CA PHE A 38 22.37 25.03 28.46
C PHE A 38 23.44 25.88 29.09
N CYS A 39 24.04 26.81 28.32
CA CYS A 39 25.01 27.74 28.89
C CYS A 39 24.42 28.47 30.09
N LEU A 40 23.13 28.79 30.04
CA LEU A 40 22.51 29.57 31.10
C LEU A 40 22.36 28.75 32.38
N ILE A 41 21.82 27.54 32.29
CA ILE A 41 21.57 26.75 33.49
C ILE A 41 22.82 26.01 33.97
N LEU A 42 23.82 25.83 33.11
CA LEU A 42 25.02 25.10 33.48
C LEU A 42 26.18 25.99 33.89
N SER A 43 26.03 27.31 33.80
CA SER A 43 27.10 28.18 34.28
C SER A 43 27.20 28.05 35.79
N SER A 44 28.43 28.03 36.30
CA SER A 44 28.67 27.57 37.64
C SER A 44 28.25 28.56 38.72
N ARG A 45 28.00 29.83 38.37
CA ARG A 45 27.79 30.80 39.43
C ARG A 45 26.65 31.76 39.15
N LEU A 46 25.68 31.37 38.34
CA LEU A 46 24.66 32.31 37.92
C LEU A 46 23.40 32.08 38.74
N PRO A 47 22.97 33.02 39.57
CA PRO A 47 21.82 32.77 40.45
C PRO A 47 20.52 32.79 39.65
N GLN A 48 19.68 31.77 39.90
CA GLN A 48 18.34 31.69 39.36
C GLN A 48 17.39 32.28 40.40
N LYS A 49 16.87 33.49 40.13
CA LYS A 49 16.18 34.26 41.16
C LYS A 49 14.88 34.87 40.61
N GLY A 50 14.04 34.06 39.97
CA GLY A 50 12.76 34.58 39.53
C GLY A 50 11.79 33.50 39.10
N GLN A 51 10.56 33.93 38.89
CA GLN A 51 9.55 33.08 38.25
C GLN A 51 9.99 32.77 36.82
N PRO A 52 9.83 31.53 36.35
CA PRO A 52 10.16 31.24 34.94
C PRO A 52 9.40 32.11 33.95
N ASN A 53 8.29 32.73 34.36
CA ASN A 53 7.74 33.84 33.60
C ASN A 53 8.71 35.01 33.59
N ARG A 54 9.18 35.42 34.77
CA ARG A 54 10.05 36.59 34.89
C ARG A 54 11.42 36.30 34.29
N GLY A 55 11.90 37.22 33.46
CA GLY A 55 13.22 37.08 32.86
C GLY A 55 13.28 35.87 31.95
N LEU A 56 14.47 35.27 31.89
CA LEU A 56 14.75 34.13 31.00
C LEU A 56 14.73 32.85 31.83
N HIS A 57 13.54 32.28 32.00
CA HIS A 57 13.35 31.02 32.72
C HIS A 57 13.92 31.10 34.13
N GLY A 58 13.60 32.19 34.82
CA GLY A 58 14.00 32.38 36.20
C GLY A 58 15.37 32.98 36.39
N PHE A 59 16.06 33.34 35.31
CA PHE A 59 17.37 33.99 35.36
C PHE A 59 17.22 35.44 34.96
N MET A 60 17.49 36.37 35.92
CA MET A 60 17.29 37.79 35.67
C MET A 60 18.42 38.35 34.80
N PRO A 61 18.10 39.30 33.91
CA PRO A 61 19.14 39.84 33.01
C PRO A 61 20.30 40.50 33.76
N GLU A 62 20.01 41.19 34.88
CA GLU A 62 21.08 41.76 35.68
C GLU A 62 22.08 40.69 36.11
N ASP A 63 21.57 39.56 36.59
CA ASP A 63 22.44 38.47 37.03
C ASP A 63 23.18 37.83 35.87
N ILE A 64 22.52 37.68 34.71
CA ILE A 64 23.22 37.12 33.55
C ILE A 64 24.35 38.03 33.11
N LYS A 65 24.10 39.34 33.06
CA LYS A 65 25.13 40.29 32.67
C LYS A 65 26.32 40.23 33.63
N ARG A 66 26.03 40.19 34.93
CA ARG A 66 27.11 40.12 35.90
C ARG A 66 27.88 38.81 35.79
N GLU A 67 27.20 37.70 35.49
CA GLU A 67 27.92 36.45 35.26
C GLU A 67 28.82 36.56 34.05
N ALA A 68 28.36 37.23 32.99
CA ALA A 68 29.22 37.49 31.85
C ALA A 68 30.47 38.24 32.27
N VAL A 69 30.29 39.26 33.11
CA VAL A 69 31.42 40.08 33.57
C VAL A 69 32.41 39.22 34.35
N ARG A 70 31.92 38.39 35.25
CA ARG A 70 32.81 37.50 35.99
C ARG A 70 33.56 36.58 35.04
N ALA A 71 32.83 35.92 34.14
CA ALA A 71 33.43 34.97 33.23
C ALA A 71 34.45 35.62 32.30
N SER A 72 34.39 36.94 32.11
CA SER A 72 35.43 37.64 31.35
C SER A 72 36.81 37.47 31.96
N LYS A 73 36.90 37.19 33.25
CA LYS A 73 38.16 37.03 33.94
C LYS A 73 38.61 35.58 34.04
N LYS A 74 38.16 34.73 33.12
CA LYS A 74 38.44 33.30 33.15
C LYS A 74 38.85 32.85 31.76
N ILE A 75 39.95 32.09 31.68
CA ILE A 75 40.44 31.55 30.42
C ILE A 75 39.94 30.12 30.28
N CYS A 76 39.35 29.81 29.13
CA CYS A 76 38.98 28.44 28.78
C CYS A 76 40.22 27.62 28.49
N PHE A 77 40.41 26.51 29.21
CA PHE A 77 41.63 25.75 29.00
C PHE A 77 41.64 25.05 27.65
N VAL A 78 40.51 25.08 26.93
CA VAL A 78 40.41 24.44 25.62
C VAL A 78 40.86 25.41 24.53
N CYS A 79 40.12 26.51 24.36
CA CYS A 79 40.43 27.45 23.29
C CYS A 79 41.35 28.59 23.75
N LYS A 80 41.76 28.61 25.02
CA LYS A 80 42.72 29.58 25.55
C LYS A 80 42.25 31.02 25.40
N LYS A 81 40.94 31.24 25.29
CA LYS A 81 40.36 32.57 25.19
C LYS A 81 39.50 32.83 26.41
N LYS A 82 39.31 34.12 26.72
CA LYS A 82 38.53 34.50 27.90
C LYS A 82 37.04 34.21 27.68
N GLY A 83 36.30 34.26 28.78
CA GLY A 83 34.85 34.10 28.74
C GLY A 83 34.30 32.82 29.35
N ALA A 84 35.12 32.03 30.04
CA ALA A 84 34.76 30.68 30.48
C ALA A 84 33.75 30.76 31.62
N ALA A 85 32.52 30.32 31.37
CA ALA A 85 31.45 30.45 32.35
C ALA A 85 31.23 29.19 33.18
N ILE A 86 31.94 28.09 32.90
CA ILE A 86 31.76 26.84 33.60
C ILE A 86 33.09 26.38 34.18
N ARG A 87 33.07 25.93 35.45
CA ARG A 87 34.25 25.41 36.14
C ARG A 87 34.06 23.95 36.55
N CYS A 88 35.11 23.14 36.43
CA CYS A 88 35.04 21.76 36.89
C CYS A 88 34.75 21.70 38.38
N GLN A 89 33.82 20.85 38.76
CA GLN A 89 33.33 20.81 40.13
C GLN A 89 34.07 19.82 41.01
N ASN A 90 35.10 19.18 40.49
CA ASN A 90 35.97 18.39 41.35
C ASN A 90 36.72 19.30 42.30
N ASP A 91 36.98 18.79 43.51
CA ASP A 91 37.64 19.59 44.54
C ASP A 91 39.09 19.89 44.19
N GLN A 92 39.74 18.99 43.45
CA GLN A 92 41.16 19.09 43.15
C GLN A 92 41.44 19.71 41.79
N CYS A 93 40.47 20.42 41.21
CA CYS A 93 40.59 20.93 39.86
C CYS A 93 40.17 22.39 39.81
N VAL A 94 40.85 23.18 38.96
CA VAL A 94 40.54 24.60 38.79
C VAL A 94 40.31 24.93 37.32
N GLN A 95 39.96 23.92 36.51
CA GLN A 95 39.84 24.12 35.07
C GLN A 95 38.53 24.80 34.72
N ASN A 96 38.63 25.90 33.95
CA ASN A 96 37.49 26.64 33.42
C ASN A 96 37.36 26.39 31.93
N PHE A 97 36.12 26.38 31.43
CA PHE A 97 35.91 26.09 30.03
C PHE A 97 34.56 26.63 29.57
N HIS A 98 34.48 26.93 28.28
CA HIS A 98 33.19 27.15 27.63
C HIS A 98 32.47 25.82 27.49
N LEU A 99 31.13 25.89 27.46
CA LEU A 99 30.38 24.66 27.27
C LEU A 99 30.67 23.96 25.95
N PRO A 100 30.63 24.62 24.79
CA PRO A 100 30.98 23.91 23.54
C PRO A 100 32.41 23.38 23.55
N CYS A 101 33.33 24.13 24.15
CA CYS A 101 34.71 23.67 24.24
C CYS A 101 34.82 22.45 25.14
N GLY A 102 34.08 22.44 26.26
CA GLY A 102 34.05 21.26 27.12
C GLY A 102 33.52 20.04 26.39
N GLN A 103 32.48 20.22 25.56
CA GLN A 103 31.99 19.12 24.75
C GLN A 103 33.04 18.66 23.74
N GLU A 104 33.80 19.60 23.18
CA GLU A 104 34.87 19.22 22.26
C GLU A 104 35.93 18.36 22.94
N ARG A 105 36.23 18.66 24.21
CA ARG A 105 37.19 17.89 25.00
C ARG A 105 36.55 16.80 25.87
N GLY A 106 35.30 16.45 25.63
CA GLY A 106 34.68 15.37 26.39
C GLY A 106 34.43 15.68 27.85
N CYS A 107 33.96 16.88 28.17
CA CYS A 107 33.54 17.22 29.52
C CYS A 107 32.08 16.83 29.71
N LEU A 108 31.71 16.61 30.97
CA LEU A 108 30.38 16.11 31.34
C LEU A 108 29.65 17.16 32.15
N SER A 109 28.39 17.42 31.80
CA SER A 109 27.54 18.37 32.50
C SER A 109 26.33 17.67 33.08
N GLN A 110 26.08 17.87 34.37
CA GLN A 110 24.92 17.30 35.05
C GLN A 110 23.77 18.30 35.10
N PHE A 111 22.56 17.78 35.02
CA PHE A 111 21.34 18.57 34.91
C PHE A 111 20.42 18.32 36.09
N PHE A 112 21.00 18.19 37.28
CA PHE A 112 20.23 18.01 38.51
C PHE A 112 20.99 18.68 39.66
N GLY A 113 20.24 19.01 40.72
CA GLY A 113 20.81 19.60 41.91
C GLY A 113 21.49 20.92 41.68
N GLU A 114 22.80 20.94 41.88
CA GLU A 114 23.63 22.12 41.66
C GLU A 114 24.16 22.22 40.24
N TYR A 115 23.64 21.39 39.33
CA TYR A 115 24.02 21.36 37.92
C TYR A 115 25.54 21.38 37.74
N LYS A 116 26.22 20.52 38.50
CA LYS A 116 27.68 20.45 38.47
C LYS A 116 28.18 19.97 37.11
N SER A 117 29.34 20.48 36.71
CA SER A 117 30.01 20.08 35.47
C SER A 117 31.44 19.65 35.81
N TYR A 118 31.97 18.74 34.99
CA TYR A 118 33.27 18.13 35.27
C TYR A 118 34.09 18.09 33.99
N CYS A 119 35.42 18.18 34.13
CA CYS A 119 36.31 18.07 32.98
C CYS A 119 36.58 16.60 32.68
N ARG A 120 37.39 16.35 31.66
CA ARG A 120 37.65 14.98 31.24
C ARG A 120 38.24 14.14 32.35
N LYS A 121 39.21 14.69 33.08
CA LYS A 121 39.93 13.88 34.07
C LYS A 121 39.04 13.50 35.25
N HIS A 122 38.03 14.32 35.57
CA HIS A 122 37.29 14.16 36.82
C HIS A 122 35.82 13.90 36.61
N ARG A 123 35.40 13.62 35.38
CA ARG A 123 33.99 13.38 35.08
C ARG A 123 33.53 12.06 35.69
N PRO A 124 32.22 11.90 35.88
CA PRO A 124 31.71 10.62 36.36
C PRO A 124 31.95 9.51 35.34
N THR A 125 32.01 8.28 35.83
CA THR A 125 32.18 7.11 34.99
C THR A 125 31.18 6.04 35.38
N GLN A 126 31.07 5.02 34.51
CA GLN A 126 30.41 3.76 34.82
C GLN A 126 31.40 2.62 34.62
N ASN A 127 31.28 1.59 35.46
CA ASN A 127 31.94 0.33 35.11
C ASN A 127 31.31 -0.24 33.85
N ILE A 128 32.15 -0.76 32.96
CA ILE A 128 31.68 -1.13 31.63
C ILE A 128 32.60 -2.16 30.97
N GLU A 136 27.71 -4.65 20.18
CA GLU A 136 26.35 -4.93 19.72
C GLU A 136 25.66 -3.68 19.13
N SER A 137 24.34 -3.77 18.90
CA SER A 137 23.60 -2.69 18.29
C SER A 137 22.73 -2.02 19.35
N CYS A 138 22.92 -0.70 19.50
CA CYS A 138 21.96 0.16 20.18
C CYS A 138 20.56 -0.06 19.62
N VAL A 139 19.65 -0.54 20.48
CA VAL A 139 18.32 -0.90 20.00
C VAL A 139 17.59 0.31 19.46
N LEU A 140 17.83 1.49 20.02
CA LEU A 140 17.12 2.69 19.61
C LEU A 140 17.36 3.00 18.14
N CYS A 141 18.62 2.94 17.70
CA CYS A 141 18.93 3.30 16.32
C CYS A 141 19.22 2.11 15.42
N CYS A 142 19.49 0.93 16.00
CA CYS A 142 19.84 -0.29 15.26
C CYS A 142 21.11 -0.09 14.44
N GLU A 143 22.15 0.41 15.09
CA GLU A 143 23.50 0.43 14.53
C GLU A 143 24.49 0.08 15.63
N ASN A 144 25.67 -0.37 15.21
CA ASN A 144 26.63 -0.97 16.12
C ASN A 144 27.16 0.06 17.12
N LEU A 145 27.32 -0.36 18.37
CA LEU A 145 27.71 0.55 19.45
C LEU A 145 29.03 1.23 19.14
N SER A 146 29.12 2.51 19.47
CA SER A 146 30.35 3.26 19.24
C SER A 146 31.50 2.64 20.02
N ARG A 147 32.68 2.62 19.42
CA ARG A 147 33.86 2.06 20.07
C ARG A 147 34.19 2.81 21.35
N THR A 148 34.30 4.13 21.28
CA THR A 148 34.68 4.91 22.45
C THR A 148 33.59 4.80 23.52
N SER A 149 33.89 4.07 24.59
CA SER A 149 32.91 3.73 25.61
C SER A 149 32.40 4.94 26.39
N VAL A 150 32.86 6.14 26.04
CA VAL A 150 32.26 7.35 26.60
C VAL A 150 31.07 7.82 25.78
N GLU A 151 30.93 7.36 24.54
CA GLU A 151 29.78 7.63 23.70
C GLU A 151 28.70 6.58 23.83
N ASN A 152 28.94 5.57 24.66
CA ASN A 152 27.95 4.57 25.01
C ASN A 152 27.64 4.67 26.49
N ILE A 153 26.57 3.98 26.90
CA ILE A 153 26.10 4.09 28.28
C ILE A 153 25.23 2.89 28.64
N GLN A 154 25.49 2.29 29.81
CA GLN A 154 24.63 1.21 30.29
C GLN A 154 23.42 1.75 31.03
N SER A 155 22.56 0.82 31.43
CA SER A 155 21.46 1.07 32.32
C SER A 155 21.56 0.10 33.49
N PRO A 156 21.39 0.58 34.73
CA PRO A 156 21.45 -0.33 35.88
C PRO A 156 20.18 -1.14 36.06
N CYS A 157 19.10 -0.74 35.39
CA CYS A 157 17.78 -1.30 35.66
C CYS A 157 17.73 -2.81 35.44
N CYS A 158 18.13 -3.27 34.26
CA CYS A 158 17.97 -4.68 33.95
C CYS A 158 18.80 -5.02 32.72
N SER A 159 19.22 -6.29 32.65
CA SER A 159 19.86 -6.86 31.47
C SER A 159 21.14 -6.13 31.09
N GLN A 160 21.51 -5.12 31.87
CA GLN A 160 22.76 -4.37 31.70
C GLN A 160 22.86 -3.79 30.29
N ALA A 161 21.75 -3.25 29.77
CA ALA A 161 21.67 -2.85 28.37
C ALA A 161 22.50 -1.59 28.10
N ILE A 162 23.16 -1.57 26.93
CA ILE A 162 24.04 -0.48 26.52
C ILE A 162 23.41 0.22 25.31
N TYR A 163 23.48 1.55 25.30
CA TYR A 163 22.91 2.36 24.24
C TYR A 163 23.94 3.39 23.80
N HIS A 164 23.76 3.92 22.58
CA HIS A 164 24.48 5.13 22.22
C HIS A 164 24.08 6.26 23.16
N ARG A 165 25.07 7.07 23.53
CA ARG A 165 24.76 8.24 24.35
C ARG A 165 23.85 9.20 23.60
N LYS A 166 24.13 9.44 22.32
CA LYS A 166 23.33 10.37 21.55
C LYS A 166 21.88 9.89 21.44
N CYS A 167 21.69 8.58 21.23
CA CYS A 167 20.33 8.06 21.09
C CYS A 167 19.54 8.21 22.38
N ILE A 168 20.16 7.94 23.53
CA ILE A 168 19.47 8.15 24.81
C ILE A 168 19.16 9.62 25.03
N GLN A 169 20.10 10.50 24.67
CA GLN A 169 19.80 11.92 24.85
C GLN A 169 18.63 12.36 23.98
N LYS A 170 18.58 11.89 22.73
CA LYS A 170 17.47 12.21 21.85
C LYS A 170 16.16 11.67 22.41
N TYR A 171 16.20 10.45 22.95
CA TYR A 171 15.01 9.90 23.60
C TYR A 171 14.58 10.76 24.77
N ALA A 172 15.53 11.20 25.60
CA ALA A 172 15.18 12.02 26.74
C ALA A 172 14.56 13.33 26.30
N HIS A 173 15.08 13.94 25.24
CA HIS A 173 14.52 15.20 24.77
C HIS A 173 13.11 15.02 24.22
N THR A 174 12.87 13.98 23.40
CA THR A 174 11.56 13.84 22.78
C THR A 174 10.50 13.38 23.78
N SER A 175 10.78 12.32 24.54
CA SER A 175 9.81 11.79 25.48
C SER A 175 9.70 12.65 26.74
N ALA A 176 10.83 13.23 27.18
CA ALA A 176 10.91 14.12 28.33
C ALA A 176 10.62 13.38 29.64
N LYS A 177 10.68 14.12 30.76
CA LYS A 177 10.73 13.51 32.08
C LYS A 177 9.54 12.59 32.33
N HIS A 178 8.34 13.03 31.95
CA HIS A 178 7.14 12.30 32.33
C HIS A 178 7.07 10.92 31.71
N PHE A 179 7.69 10.72 30.54
CA PHE A 179 7.60 9.44 29.84
C PHE A 179 8.97 8.81 29.58
N PHE A 180 10.03 9.34 30.16
CA PHE A 180 11.38 8.81 29.96
C PHE A 180 11.60 7.63 30.90
N LYS A 181 11.91 6.47 30.34
CA LYS A 181 11.84 5.21 31.07
C LYS A 181 12.76 4.21 30.40
N CYS A 182 13.01 3.10 31.09
CA CYS A 182 13.75 2.02 30.47
C CYS A 182 12.97 1.50 29.27
N PRO A 183 13.57 1.43 28.09
CA PRO A 183 12.86 0.87 26.93
C PRO A 183 12.38 -0.56 27.14
N GLN A 184 13.08 -1.34 27.97
CA GLN A 184 12.70 -2.74 28.19
C GLN A 184 11.80 -2.91 29.42
N CYS A 185 12.29 -2.54 30.61
CA CYS A 185 11.57 -2.83 31.84
C CYS A 185 10.69 -1.68 32.33
N ASN A 186 10.63 -0.57 31.58
CA ASN A 186 9.82 0.59 31.96
C ASN A 186 10.21 1.14 33.33
N ASN A 187 11.50 1.07 33.65
CA ASN A 187 11.98 1.62 34.92
C ASN A 187 11.93 3.14 34.88
N ARG A 188 11.29 3.74 35.88
CA ARG A 188 11.13 5.18 35.95
C ARG A 188 11.79 5.78 37.19
N GLU A 189 12.50 4.97 37.98
CA GLU A 189 13.13 5.45 39.21
C GLU A 189 14.66 5.33 39.14
N GLU A 190 15.21 4.12 38.97
CA GLU A 190 16.66 3.98 39.01
C GLU A 190 17.31 4.31 37.67
N PHE A 191 16.69 3.87 36.56
CA PHE A 191 17.20 4.18 35.24
C PHE A 191 17.38 5.67 34.97
N PRO A 192 16.36 6.54 35.18
CA PRO A 192 16.60 7.97 34.93
C PRO A 192 17.54 8.62 35.94
N GLN A 193 17.61 8.15 37.18
CA GLN A 193 18.63 8.67 38.09
C GLN A 193 20.04 8.36 37.59
N GLU A 194 20.26 7.14 37.14
CA GLU A 194 21.59 6.81 36.59
C GLU A 194 21.87 7.63 35.35
N MET A 195 20.85 7.83 34.51
CA MET A 195 21.05 8.67 33.33
C MET A 195 21.42 10.10 33.72
N LEU A 196 20.74 10.65 34.73
CA LEU A 196 21.05 12.01 35.18
C LEU A 196 22.50 12.12 35.61
N ARG A 197 22.98 11.19 36.46
CA ARG A 197 24.33 11.35 36.97
C ARG A 197 25.50 11.19 36.00
N MET A 198 25.16 10.78 34.79
CA MET A 198 26.17 10.63 33.75
C MET A 198 26.04 11.72 32.70
N GLY A 199 25.03 12.57 32.81
CA GLY A 199 24.95 13.70 31.91
C GLY A 199 23.84 13.85 30.92
N ILE A 200 22.73 13.18 31.17
CA ILE A 200 21.62 13.22 30.24
C ILE A 200 20.66 14.34 30.64
N HIS A 201 20.41 15.27 29.73
CA HIS A 201 19.36 16.26 29.94
C HIS A 201 18.01 15.56 29.95
N ILE A 202 17.23 15.76 31.00
CA ILE A 202 15.86 15.26 31.02
C ILE A 202 14.94 16.43 31.27
N PRO A 203 14.40 17.05 30.22
CA PRO A 203 13.54 18.22 30.42
C PRO A 203 12.31 17.89 31.22
N ASP A 204 11.89 18.82 32.06
CA ASP A 204 10.59 18.72 32.73
C ASP A 204 9.56 19.44 31.86
N ARG A 205 9.06 18.71 30.87
CA ARG A 205 8.08 19.23 29.93
C ARG A 205 7.28 18.05 29.40
N ASP A 206 6.19 18.36 28.71
CA ASP A 206 5.39 17.30 28.14
C ASP A 206 6.12 16.67 26.97
N ALA A 207 5.71 15.46 26.61
CA ALA A 207 6.37 14.70 25.55
C ALA A 207 6.23 15.40 24.20
N ALA A 208 7.20 15.12 23.33
CA ALA A 208 7.25 15.80 22.03
C ALA A 208 6.00 15.53 21.20
N TRP A 209 5.51 14.28 21.19
CA TRP A 209 4.35 13.96 20.38
C TRP A 209 3.08 14.59 20.91
N GLU A 210 3.10 15.13 22.14
CA GLU A 210 2.01 15.94 22.66
C GLU A 210 2.16 17.41 22.31
N LEU A 211 3.38 17.87 22.12
CA LEU A 211 3.66 19.29 21.88
C LEU A 211 3.70 19.63 20.40
N GLU A 212 3.39 18.68 19.51
CA GLU A 212 3.31 19.00 18.10
C GLU A 212 2.15 19.96 17.84
N PRO A 213 2.25 20.79 16.81
CA PRO A 213 1.13 21.69 16.47
C PRO A 213 -0.07 20.87 15.97
N GLY A 214 -1.22 21.11 16.58
CA GLY A 214 -2.41 20.33 16.27
C GLY A 214 -2.26 18.87 16.58
N ALA A 215 -1.47 18.52 17.60
CA ALA A 215 -1.25 17.12 17.96
C ALA A 215 -2.50 16.53 18.58
N PHE A 216 -2.88 15.35 18.11
CA PHE A 216 -4.07 14.64 18.59
C PHE A 216 -5.28 15.58 18.58
N SER A 217 -5.39 16.37 17.52
CA SER A 217 -6.47 17.35 17.39
C SER A 217 -7.71 16.70 16.78
N GLU A 218 -7.58 16.11 15.58
CA GLU A 218 -8.67 15.32 15.00
C GLU A 218 -8.92 14.01 15.74
N LEU A 219 -7.96 13.56 16.55
CA LEU A 219 -8.28 12.51 17.50
C LEU A 219 -9.23 13.08 18.52
N TYR A 220 -10.04 12.20 19.13
CA TYR A 220 -11.21 12.63 19.86
C TYR A 220 -11.93 13.64 18.97
N GLN A 221 -11.77 14.94 19.25
CA GLN A 221 -12.45 15.99 18.51
C GLN A 221 -13.87 15.53 18.24
N ARG A 222 -14.58 15.30 19.33
CA ARG A 222 -15.89 14.66 19.27
C ARG A 222 -16.63 15.26 18.08
N TYR A 223 -17.09 14.42 17.18
CA TYR A 223 -17.77 14.91 16.01
C TYR A 223 -18.73 15.98 16.43
N ARG A 224 -18.57 17.15 15.86
CA ARG A 224 -19.46 18.28 16.16
C ARG A 224 -19.67 19.00 14.83
N HIS A 225 -20.74 18.63 14.15
CA HIS A 225 -20.98 19.10 12.79
C HIS A 225 -22.41 18.76 12.43
N CYS A 226 -23.09 19.67 11.72
CA CYS A 226 -24.52 19.55 11.45
C CYS A 226 -24.70 19.01 10.04
N ASP A 227 -25.16 17.78 9.95
CA ASP A 227 -25.32 17.14 8.66
C ASP A 227 -26.78 16.91 8.37
N ALA A 228 -27.48 18.00 8.20
CA ALA A 228 -28.89 18.01 7.84
C ALA A 228 -28.92 18.62 6.43
N PRO A 229 -29.98 18.33 5.65
CA PRO A 229 -30.00 18.82 4.26
C PRO A 229 -29.78 20.33 4.13
N ILE A 230 -30.35 21.13 5.03
CA ILE A 230 -30.01 22.55 5.14
C ILE A 230 -29.80 22.86 6.61
N CYS A 231 -28.78 23.67 6.90
CA CYS A 231 -28.53 24.12 8.25
C CYS A 231 -29.26 25.44 8.48
N LEU A 232 -29.92 25.55 9.63
CA LEU A 232 -30.77 26.69 9.94
C LEU A 232 -30.06 27.74 10.80
N TYR A 233 -28.74 27.84 10.70
CA TYR A 233 -28.00 28.60 11.70
C TYR A 233 -26.81 29.32 11.07
N GLU A 234 -26.64 30.59 11.45
CA GLU A 234 -25.69 31.48 10.79
C GLU A 234 -24.24 31.03 11.00
N GLN A 235 -23.86 30.79 12.26
CA GLN A 235 -22.50 30.33 12.56
C GLN A 235 -22.21 29.04 11.82
N GLY A 236 -23.25 28.30 11.48
CA GLY A 236 -23.16 27.22 10.53
C GLY A 236 -23.04 25.87 11.19
N ARG A 237 -22.86 24.88 10.32
CA ARG A 237 -22.70 23.49 10.72
C ARG A 237 -21.51 23.27 11.65
N ASP A 238 -20.66 24.29 11.82
CA ASP A 238 -19.40 24.17 12.52
C ASP A 238 -19.44 24.67 13.96
N SER A 239 -20.47 25.42 14.34
CA SER A 239 -20.56 26.02 15.66
C SER A 239 -21.90 25.65 16.32
N PHE A 240 -21.89 25.62 17.66
CA PHE A 240 -23.04 25.16 18.42
C PHE A 240 -23.14 25.96 19.71
N GLU A 241 -24.18 25.68 20.49
CA GLU A 241 -24.37 26.29 21.80
C GLU A 241 -24.81 25.20 22.77
N ASP A 242 -25.24 25.62 23.95
CA ASP A 242 -25.54 24.70 25.04
C ASP A 242 -27.02 24.40 25.23
N GLU A 243 -27.89 25.36 24.94
CA GLU A 243 -29.32 25.14 25.13
C GLU A 243 -30.07 25.57 23.88
N GLY A 244 -31.38 25.47 23.94
CA GLY A 244 -32.23 25.91 22.85
C GLY A 244 -32.21 24.95 21.67
N ARG A 245 -32.75 25.44 20.56
CA ARG A 245 -32.74 24.68 19.33
C ARG A 245 -31.39 24.75 18.60
N TRP A 246 -30.41 25.45 19.17
CA TRP A 246 -29.11 25.61 18.53
C TRP A 246 -28.06 24.66 19.10
N ARG A 247 -28.42 23.84 20.07
CA ARG A 247 -27.50 22.87 20.65
C ARG A 247 -27.26 21.71 19.69
N LEU A 248 -26.24 20.92 19.99
CA LEU A 248 -25.84 19.80 19.15
C LEU A 248 -26.47 18.49 19.62
N ILE A 249 -26.93 17.69 18.67
CA ILE A 249 -27.38 16.33 18.96
C ILE A 249 -26.70 15.36 17.98
N LEU A 250 -26.30 14.20 18.51
CA LEU A 250 -25.56 13.18 17.78
C LEU A 250 -26.38 11.90 17.71
N CYS A 251 -26.03 11.04 16.77
CA CYS A 251 -26.77 9.81 16.55
C CYS A 251 -26.68 8.87 17.74
N ALA A 252 -27.72 8.05 17.92
CA ALA A 252 -27.80 7.15 19.06
C ALA A 252 -26.84 5.97 18.96
N THR A 253 -26.44 5.58 17.74
CA THR A 253 -25.56 4.43 17.57
C THR A 253 -24.17 4.81 17.02
N CYS A 254 -24.11 5.49 15.87
CA CYS A 254 -22.82 5.80 15.27
C CYS A 254 -22.09 6.89 16.03
N GLY A 255 -22.82 7.87 16.57
CA GLY A 255 -22.20 9.00 17.23
C GLY A 255 -21.32 9.85 16.34
N SER A 256 -21.43 9.71 15.02
CA SER A 256 -20.55 10.37 14.06
C SER A 256 -21.34 11.14 13.01
N HIS A 257 -22.61 11.42 13.28
CA HIS A 257 -23.50 12.12 12.37
C HIS A 257 -24.46 12.90 13.23
N GLY A 258 -24.39 14.22 13.18
CA GLY A 258 -25.19 14.99 14.10
C GLY A 258 -25.70 16.27 13.55
N THR A 259 -26.32 17.08 14.41
CA THR A 259 -26.94 18.29 13.93
C THR A 259 -27.50 19.24 14.93
N HIS A 260 -27.79 20.44 14.48
CA HIS A 260 -28.49 21.43 15.31
C HIS A 260 -29.91 20.87 15.44
N ARG A 261 -30.49 20.97 16.65
CA ARG A 261 -31.76 20.31 16.92
C ARG A 261 -32.85 20.69 15.92
N ASP A 262 -33.00 21.99 15.64
CA ASP A 262 -34.05 22.45 14.74
C ASP A 262 -33.81 22.10 13.27
N CYS A 263 -32.59 21.69 12.90
CA CYS A 263 -32.35 21.29 11.51
C CYS A 263 -32.99 19.95 11.19
N SER A 264 -33.18 19.11 12.20
CA SER A 264 -34.10 17.98 12.12
C SER A 264 -35.47 18.32 12.68
N SER A 265 -35.66 19.57 13.14
CA SER A 265 -36.93 20.08 13.67
C SER A 265 -37.51 19.15 14.73
N LEU A 266 -36.67 18.79 15.69
CA LEU A 266 -37.05 17.83 16.71
C LEU A 266 -37.18 18.54 18.07
N ARG A 267 -37.53 17.76 19.08
CA ARG A 267 -38.05 18.26 20.34
C ARG A 267 -37.36 17.56 21.51
N PRO A 268 -37.39 18.17 22.70
CA PRO A 268 -36.86 17.52 23.90
C PRO A 268 -37.73 16.41 24.47
N ASN A 269 -38.74 15.94 23.72
CA ASN A 269 -39.74 15.00 24.23
C ASN A 269 -39.58 13.60 23.65
N SER A 270 -38.42 13.32 23.01
CA SER A 270 -38.07 12.01 22.44
C SER A 270 -36.74 11.47 22.94
N LYS A 271 -35.71 12.31 22.98
CA LYS A 271 -34.42 12.04 23.62
C LYS A 271 -33.54 11.01 22.92
N LYS A 272 -34.02 10.35 21.87
CA LYS A 272 -33.27 9.28 21.21
C LYS A 272 -33.19 9.54 19.71
N TRP A 273 -32.15 10.27 19.29
CA TRP A 273 -31.93 10.63 17.89
C TRP A 273 -31.06 9.57 17.20
N GLU A 274 -31.64 8.90 16.21
CA GLU A 274 -30.88 8.10 15.26
C GLU A 274 -30.89 8.78 13.89
N CYS A 275 -29.71 8.87 13.29
CA CYS A 275 -29.53 9.60 12.03
C CYS A 275 -30.14 8.82 10.87
N ASN A 276 -30.08 9.44 9.68
CA ASN A 276 -30.56 8.83 8.45
C ASN A 276 -29.97 7.44 8.25
N GLU A 277 -28.66 7.32 8.49
CA GLU A 277 -27.90 6.11 8.18
C GLU A 277 -28.24 4.96 9.12
N CYS A 278 -28.37 5.24 10.40
CA CYS A 278 -28.70 4.21 11.38
C CYS A 278 -30.21 3.91 11.41
N LEU A 279 -30.95 4.29 10.35
CA LEU A 279 -32.33 3.85 10.14
C LEU A 279 -32.42 3.03 8.86
N GLY B 2 23.26 11.64 10.82
CA GLY B 2 22.25 10.84 11.48
C GLY B 2 20.83 11.35 11.35
N GLY B 3 20.03 11.17 12.40
CA GLY B 3 18.68 11.70 12.42
C GLY B 3 17.74 11.02 11.45
N ILE B 4 17.46 11.70 10.35
CA ILE B 4 16.59 11.16 9.31
C ILE B 4 17.18 9.87 8.74
N LEU B 5 18.50 9.83 8.57
CA LEU B 5 19.15 8.61 8.10
C LEU B 5 18.92 7.47 9.09
N MET B 6 19.01 7.78 10.39
CA MET B 6 18.74 6.80 11.43
C MET B 6 17.31 6.27 11.34
N ALA B 7 16.34 7.16 11.15
CA ALA B 7 14.95 6.73 11.00
C ALA B 7 14.77 5.84 9.78
N LEU B 8 15.41 6.21 8.66
CA LEU B 8 15.33 5.38 7.46
C LEU B 8 15.89 3.98 7.70
N LYS B 9 17.06 3.89 8.34
CA LYS B 9 17.63 2.57 8.56
C LYS B 9 16.73 1.74 9.47
N ARG B 10 16.20 2.35 10.54
CA ARG B 10 15.34 1.59 11.43
C ARG B 10 14.05 1.17 10.73
N ILE B 11 13.50 2.02 9.88
CA ILE B 11 12.25 1.67 9.19
C ILE B 11 12.48 0.54 8.19
N HIS B 12 13.62 0.56 7.47
CA HIS B 12 13.96 -0.62 6.67
C HIS B 12 14.05 -1.87 7.53
N LYS B 13 14.72 -1.78 8.69
CA LYS B 13 14.85 -2.96 9.52
C LYS B 13 13.48 -3.49 9.92
N GLU B 14 12.59 -2.60 10.34
CA GLU B 14 11.27 -3.03 10.73
C GLU B 14 10.49 -3.60 9.55
N LEU B 15 10.68 -3.03 8.36
CA LEU B 15 10.00 -3.55 7.18
C LEU B 15 10.44 -4.97 6.85
N ASN B 16 11.74 -5.21 6.87
CA ASN B 16 12.24 -6.56 6.64
C ASN B 16 11.73 -7.54 7.69
N ASP B 17 11.76 -7.14 8.98
CA ASP B 17 11.27 -8.02 10.03
C ASP B 17 9.78 -8.31 9.83
N LEU B 18 8.99 -7.29 9.49
CA LEU B 18 7.58 -7.46 9.23
C LEU B 18 7.36 -8.44 8.10
N ALA B 19 8.20 -8.37 7.07
CA ALA B 19 8.07 -9.28 5.95
C ALA B 19 8.35 -10.72 6.36
N ARG B 20 9.38 -10.94 7.17
CA ARG B 20 9.79 -12.32 7.46
C ARG B 20 8.97 -12.96 8.58
N ASP B 21 8.53 -12.16 9.56
CA ASP B 21 7.66 -12.63 10.63
C ASP B 21 6.46 -11.71 10.71
N PRO B 22 5.50 -11.85 9.79
CA PRO B 22 4.35 -10.96 9.78
C PRO B 22 3.41 -11.25 10.94
N PRO B 23 2.87 -10.21 11.57
CA PRO B 23 1.80 -10.41 12.56
C PRO B 23 0.60 -11.10 11.94
N ALA B 24 -0.21 -11.69 12.81
CA ALA B 24 -1.34 -12.47 12.34
C ALA B 24 -2.36 -11.55 11.68
N GLN B 25 -2.68 -11.87 10.42
CA GLN B 25 -3.75 -11.21 9.66
C GLN B 25 -3.44 -9.75 9.36
N CYS B 26 -2.15 -9.42 9.33
CA CYS B 26 -1.68 -8.08 9.00
C CYS B 26 -0.62 -8.21 7.93
N ARG B 27 -0.55 -7.15 7.13
CA ARG B 27 0.45 -7.03 6.11
C ARG B 27 0.60 -5.52 5.93
N ALA B 28 1.82 -5.01 5.72
CA ALA B 28 2.00 -3.57 5.64
C ALA B 28 3.27 -3.32 4.84
N GLY B 29 3.35 -2.12 4.28
CA GLY B 29 4.50 -1.78 3.46
C GLY B 29 4.57 -0.33 3.04
N PRO B 30 5.73 0.05 2.50
CA PRO B 30 5.87 1.42 2.00
C PRO B 30 5.03 1.64 0.77
N VAL B 31 4.45 2.84 0.68
CA VAL B 31 3.72 3.27 -0.49
C VAL B 31 4.74 3.83 -1.48
N GLY B 32 4.93 3.13 -2.60
CA GLY B 32 5.86 3.61 -3.60
C GLY B 32 7.25 3.78 -3.03
N ASP B 33 7.90 4.88 -3.39
CA ASP B 33 9.29 5.14 -3.03
C ASP B 33 9.42 5.97 -1.76
N ASP B 34 8.31 6.32 -1.13
CA ASP B 34 8.32 7.05 0.15
C ASP B 34 8.22 6.04 1.27
N MET B 35 9.30 5.87 2.03
CA MET B 35 9.26 4.89 3.11
C MET B 35 8.81 5.46 4.44
N PHE B 36 8.51 6.74 4.53
CA PHE B 36 7.88 7.27 5.72
C PHE B 36 6.36 7.21 5.63
N HIS B 37 5.82 6.71 4.54
CA HIS B 37 4.38 6.52 4.38
C HIS B 37 4.12 5.05 4.05
N TRP B 38 3.44 4.34 4.94
CA TRP B 38 3.06 2.96 4.69
C TRP B 38 1.55 2.82 4.61
N GLN B 39 1.13 1.75 3.95
CA GLN B 39 -0.23 1.28 3.89
C GLN B 39 -0.27 -0.17 4.38
N ALA B 40 -1.30 -0.47 5.17
CA ALA B 40 -1.42 -1.73 5.85
C ALA B 40 -2.83 -2.27 5.64
N THR B 41 -2.98 -3.58 5.78
CA THR B 41 -4.29 -4.20 5.81
C THR B 41 -4.35 -5.19 6.96
N ILE B 42 -5.46 -5.13 7.70
CA ILE B 42 -5.79 -6.07 8.73
C ILE B 42 -7.05 -6.82 8.31
N MET B 43 -6.95 -8.14 8.24
CA MET B 43 -8.12 -8.99 8.04
C MET B 43 -8.86 -9.07 9.36
N GLY B 44 -10.17 -8.86 9.32
CA GLY B 44 -10.98 -8.91 10.52
C GLY B 44 -10.87 -10.24 11.24
N PRO B 45 -10.49 -10.21 12.52
CA PRO B 45 -10.18 -11.45 13.24
C PRO B 45 -11.34 -12.43 13.24
N ASN B 46 -11.00 -13.71 13.20
CA ASN B 46 -12.02 -14.75 13.29
C ASN B 46 -12.67 -14.73 14.66
N ASP B 47 -13.95 -15.10 14.69
CA ASP B 47 -14.72 -15.16 15.94
C ASP B 47 -14.89 -13.77 16.54
N SER B 48 -14.84 -12.75 15.69
CA SER B 48 -15.15 -11.37 16.04
C SER B 48 -16.14 -10.87 15.01
N PRO B 49 -16.92 -9.81 15.32
CA PRO B 49 -17.92 -9.32 14.36
C PRO B 49 -17.29 -8.71 13.11
N TYR B 50 -15.97 -8.64 13.08
CA TYR B 50 -15.25 -8.12 11.92
C TYR B 50 -14.77 -9.22 10.99
N GLN B 51 -15.08 -10.48 11.30
CA GLN B 51 -14.62 -11.58 10.47
C GLN B 51 -15.10 -11.42 9.03
N GLY B 52 -14.19 -11.67 8.09
CA GLY B 52 -14.49 -11.56 6.68
C GLY B 52 -14.21 -10.21 6.07
N GLY B 53 -14.02 -9.18 6.90
CA GLY B 53 -13.72 -7.87 6.39
C GLY B 53 -12.27 -7.71 6.02
N VAL B 54 -12.02 -6.72 5.17
CA VAL B 54 -10.68 -6.24 4.85
C VAL B 54 -10.62 -4.79 5.28
N PHE B 55 -9.74 -4.48 6.24
CA PHE B 55 -9.68 -3.16 6.84
C PHE B 55 -8.35 -2.51 6.52
N PHE B 56 -8.39 -1.34 5.89
CA PHE B 56 -7.20 -0.67 5.40
C PHE B 56 -6.75 0.42 6.37
N LEU B 57 -5.43 0.48 6.61
CA LEU B 57 -4.84 1.44 7.53
C LEU B 57 -3.73 2.22 6.86
N THR B 58 -3.62 3.50 7.20
CA THR B 58 -2.53 4.34 6.75
C THR B 58 -1.59 4.64 7.92
N ILE B 59 -0.29 4.59 7.63
CA ILE B 59 0.77 4.75 8.62
C ILE B 59 1.70 5.86 8.15
N HIS B 60 2.01 6.80 9.02
CA HIS B 60 2.98 7.84 8.75
C HIS B 60 4.04 7.83 9.83
N PHE B 61 5.27 7.55 9.45
CA PHE B 61 6.38 7.60 10.40
C PHE B 61 6.88 9.01 10.56
N PRO B 62 7.05 9.50 11.78
CA PRO B 62 7.63 10.84 11.96
C PRO B 62 9.09 10.86 11.55
N THR B 63 9.60 12.08 11.37
CA THR B 63 11.00 12.31 11.06
C THR B 63 11.91 11.90 12.20
N ASP B 64 11.42 11.91 13.45
CA ASP B 64 12.21 11.53 14.60
C ASP B 64 11.97 10.08 15.01
N TYR B 65 11.46 9.25 14.11
CA TYR B 65 11.22 7.86 14.46
C TYR B 65 12.55 7.20 14.82
N PRO B 66 12.59 6.32 15.84
CA PRO B 66 11.51 5.76 16.66
C PRO B 66 11.26 6.58 17.92
N PHE B 67 11.74 7.81 17.94
CA PHE B 67 11.60 8.58 19.17
C PHE B 67 10.24 9.24 19.29
N LYS B 68 9.50 9.36 18.21
CA LYS B 68 8.08 9.67 18.23
C LYS B 68 7.31 8.46 17.72
N PRO B 69 6.09 8.24 18.24
CA PRO B 69 5.30 7.13 17.72
C PRO B 69 4.84 7.43 16.31
N PRO B 70 4.55 6.39 15.52
CA PRO B 70 3.93 6.62 14.21
C PRO B 70 2.49 7.09 14.38
N LYS B 71 2.00 7.76 13.33
CA LYS B 71 0.59 8.11 13.26
C LYS B 71 -0.12 7.05 12.44
N VAL B 72 -1.12 6.38 13.02
CA VAL B 72 -1.83 5.27 12.38
C VAL B 72 -3.31 5.59 12.38
N ALA B 73 -3.96 5.38 11.24
CA ALA B 73 -5.38 5.69 11.12
C ALA B 73 -6.07 4.68 10.20
N PHE B 74 -7.31 4.33 10.52
CA PHE B 74 -8.10 3.54 9.57
C PHE B 74 -8.60 4.43 8.44
N THR B 75 -8.56 3.88 7.22
CA THR B 75 -9.28 4.47 6.11
C THR B 75 -10.61 3.77 5.86
N THR B 76 -10.85 2.64 6.50
CA THR B 76 -12.10 1.89 6.39
C THR B 76 -12.99 2.22 7.58
N ARG B 77 -14.27 2.52 7.31
CA ARG B 77 -15.21 2.74 8.40
C ARG B 77 -15.37 1.46 9.22
N ILE B 78 -15.29 1.59 10.54
CA ILE B 78 -15.38 0.45 11.42
C ILE B 78 -16.14 0.85 12.67
N TYR B 79 -17.00 -0.05 13.16
CA TYR B 79 -17.89 0.23 14.28
C TYR B 79 -17.19 -0.23 15.55
N HIS B 80 -16.49 0.69 16.21
CA HIS B 80 -15.66 0.29 17.32
C HIS B 80 -15.63 1.40 18.34
N PRO B 81 -15.69 1.07 19.63
CA PRO B 81 -15.75 2.12 20.66
C PRO B 81 -14.54 3.06 20.64
N ASN B 82 -13.43 2.61 20.07
CA ASN B 82 -12.17 3.34 20.13
C ASN B 82 -11.72 3.85 18.77
N ILE B 83 -12.58 3.80 17.75
CA ILE B 83 -12.22 4.25 16.42
C ILE B 83 -13.36 5.13 15.91
N ASN B 84 -13.04 6.41 15.63
CA ASN B 84 -14.06 7.37 15.26
C ASN B 84 -14.25 7.38 13.74
N SER B 85 -15.12 8.28 13.27
CA SER B 85 -15.44 8.32 11.85
C SER B 85 -14.25 8.74 11.00
N ASN B 86 -13.27 9.42 11.59
CA ASN B 86 -12.07 9.82 10.85
C ASN B 86 -11.04 8.71 10.79
N GLY B 87 -11.31 7.55 11.38
CA GLY B 87 -10.34 6.49 11.40
C GLY B 87 -9.29 6.61 12.49
N SER B 88 -9.41 7.59 13.37
CA SER B 88 -8.48 7.74 14.48
C SER B 88 -8.65 6.62 15.50
N ILE B 89 -7.53 6.22 16.10
CA ILE B 89 -7.47 5.07 16.99
C ILE B 89 -7.04 5.55 18.37
N LYS B 90 -7.85 5.27 19.38
CA LYS B 90 -7.52 5.57 20.78
C LYS B 90 -6.73 4.38 21.31
N LEU B 91 -5.40 4.46 21.24
CA LEU B 91 -4.51 3.34 21.60
C LEU B 91 -3.30 3.86 22.35
N ASP B 92 -3.05 3.31 23.54
CA ASP B 92 -2.02 3.84 24.43
C ASP B 92 -0.64 3.83 23.79
N ILE B 93 -0.28 2.73 23.12
CA ILE B 93 1.08 2.65 22.60
C ILE B 93 1.32 3.61 21.46
N LEU B 94 0.26 4.23 20.91
CA LEU B 94 0.47 5.25 19.90
C LEU B 94 0.58 6.64 20.50
N ARG B 95 0.21 6.82 21.76
CA ARG B 95 0.38 8.12 22.40
C ARG B 95 1.26 8.05 23.64
N SER B 96 0.78 7.44 24.71
CA SER B 96 1.36 7.72 26.02
C SER B 96 2.23 6.58 26.53
N GLN B 97 2.11 5.40 25.94
CA GLN B 97 3.00 4.30 26.29
C GLN B 97 3.97 3.98 25.17
N TRP B 98 4.15 4.91 24.24
CA TRP B 98 5.15 4.73 23.20
C TRP B 98 6.55 4.66 23.79
N SER B 99 7.32 3.71 23.29
CA SER B 99 8.74 3.55 23.56
C SER B 99 9.48 3.38 22.24
N PRO B 100 10.69 3.92 22.12
CA PRO B 100 11.47 3.71 20.88
C PRO B 100 11.86 2.26 20.67
N ALA B 101 11.73 1.42 21.70
CA ALA B 101 11.94 -0.02 21.54
C ALA B 101 10.79 -0.70 20.81
N LEU B 102 9.62 -0.08 20.77
CA LEU B 102 8.47 -0.65 20.09
C LEU B 102 8.64 -0.54 18.58
N THR B 103 7.97 -1.46 17.88
CA THR B 103 8.07 -1.60 16.44
C THR B 103 6.68 -1.56 15.82
N ILE B 104 6.64 -1.20 14.53
CA ILE B 104 5.37 -1.11 13.83
C ILE B 104 4.64 -2.46 13.87
N SER B 105 5.39 -3.56 13.92
CA SER B 105 4.78 -4.88 14.05
C SER B 105 4.04 -5.01 15.38
N LYS B 106 4.60 -4.47 16.47
CA LYS B 106 3.90 -4.49 17.76
C LYS B 106 2.72 -3.51 17.78
N VAL B 107 2.82 -2.39 17.07
CA VAL B 107 1.65 -1.53 16.91
C VAL B 107 0.50 -2.31 16.29
N LEU B 108 0.79 -3.04 15.20
CA LEU B 108 -0.25 -3.77 14.48
C LEU B 108 -0.86 -4.87 15.32
N LEU B 109 -0.03 -5.62 16.06
CA LEU B 109 -0.63 -6.55 17.02
C LEU B 109 -1.57 -5.85 17.99
N SER B 110 -1.14 -4.70 18.53
CA SER B 110 -2.00 -4.02 19.49
C SER B 110 -3.33 -3.64 18.86
N ILE B 111 -3.30 -3.19 17.61
CA ILE B 111 -4.55 -2.80 16.97
C ILE B 111 -5.44 -4.01 16.75
N CYS B 112 -4.86 -5.15 16.35
CA CYS B 112 -5.70 -6.33 16.18
C CYS B 112 -6.33 -6.73 17.50
N SER B 113 -5.55 -6.72 18.58
CA SER B 113 -6.10 -7.06 19.88
C SER B 113 -7.18 -6.07 20.29
N LEU B 114 -7.01 -4.80 19.93
CA LEU B 114 -8.04 -3.80 20.17
C LEU B 114 -9.34 -4.15 19.44
N LEU B 115 -9.22 -4.69 18.23
CA LEU B 115 -10.41 -5.18 17.54
C LEU B 115 -11.05 -6.34 18.28
N CYS B 116 -10.24 -7.25 18.83
CA CYS B 116 -10.81 -8.37 19.56
C CYS B 116 -11.33 -7.94 20.93
N ASP B 117 -10.65 -7.00 21.60
CA ASP B 117 -10.95 -6.63 22.98
C ASP B 117 -10.97 -5.12 23.11
N PRO B 118 -12.13 -4.49 22.87
CA PRO B 118 -12.24 -3.03 22.99
C PRO B 118 -12.11 -2.55 24.43
N ASN B 119 -11.87 -1.24 24.55
CA ASN B 119 -11.73 -0.54 25.83
C ASN B 119 -12.83 0.49 26.00
N PRO B 120 -14.05 0.06 26.34
CA PRO B 120 -15.16 1.02 26.43
C PRO B 120 -15.07 1.97 27.61
N ASP B 121 -14.22 1.70 28.60
CA ASP B 121 -14.12 2.61 29.73
C ASP B 121 -13.24 3.82 29.45
N ASP B 122 -12.48 3.82 28.35
CA ASP B 122 -11.79 5.00 27.87
C ASP B 122 -12.12 5.15 26.39
N PRO B 123 -13.38 5.46 26.08
CA PRO B 123 -13.85 5.36 24.69
C PRO B 123 -13.53 6.58 23.86
N LEU B 124 -13.46 6.36 22.55
CA LEU B 124 -13.36 7.46 21.60
C LEU B 124 -14.72 7.83 21.00
N VAL B 125 -15.69 6.92 21.05
CA VAL B 125 -17.06 7.15 20.59
C VAL B 125 -18.02 6.71 21.69
N PRO B 126 -18.44 7.61 22.56
CA PRO B 126 -19.21 7.20 23.76
C PRO B 126 -20.48 6.41 23.47
N GLU B 127 -21.18 6.69 22.37
CA GLU B 127 -22.41 5.93 22.08
C GLU B 127 -22.10 4.46 21.84
N ILE B 128 -21.07 4.17 21.05
CA ILE B 128 -20.70 2.80 20.75
C ILE B 128 -20.21 2.08 21.99
N ALA B 129 -19.52 2.80 22.88
CA ALA B 129 -19.12 2.19 24.15
C ALA B 129 -20.34 1.87 25.02
N ARG B 130 -21.32 2.78 25.08
CA ARG B 130 -22.54 2.49 25.85
C ARG B 130 -23.24 1.26 25.30
N ILE B 131 -23.34 1.17 23.98
CA ILE B 131 -23.98 0.01 23.38
C ILE B 131 -23.18 -1.25 23.65
N TYR B 132 -21.85 -1.17 23.58
CA TYR B 132 -21.00 -2.32 23.86
C TYR B 132 -21.20 -2.81 25.28
N LYS B 133 -21.34 -1.90 26.24
CA LYS B 133 -21.46 -2.30 27.63
C LYS B 133 -22.88 -2.78 27.97
N THR B 134 -23.91 -2.17 27.38
CA THR B 134 -25.29 -2.46 27.76
C THR B 134 -25.92 -3.58 26.95
N ASP B 135 -25.69 -3.64 25.65
CA ASP B 135 -26.36 -4.59 24.77
C ASP B 135 -25.31 -5.12 23.79
N ARG B 136 -24.61 -6.18 24.22
CA ARG B 136 -23.49 -6.69 23.43
C ARG B 136 -23.96 -7.29 22.12
N GLU B 137 -25.12 -7.94 22.12
CA GLU B 137 -25.58 -8.60 20.91
C GLU B 137 -25.94 -7.56 19.84
N LYS B 138 -26.55 -6.45 20.24
CA LYS B 138 -26.80 -5.35 19.31
C LYS B 138 -25.48 -4.77 18.79
N TYR B 139 -24.48 -4.65 19.66
CA TYR B 139 -23.16 -4.22 19.23
C TYR B 139 -22.61 -5.14 18.15
N ASN B 140 -22.63 -6.45 18.40
CA ASN B 140 -22.09 -7.40 17.44
C ASN B 140 -22.86 -7.36 16.13
N ARG B 141 -24.19 -7.22 16.21
CA ARG B 141 -24.98 -7.14 14.99
C ARG B 141 -24.61 -5.91 14.17
N ILE B 142 -24.47 -4.76 14.82
CA ILE B 142 -24.15 -3.55 14.07
C ILE B 142 -22.73 -3.61 13.52
N ALA B 143 -21.80 -4.20 14.27
CA ALA B 143 -20.43 -4.34 13.77
C ALA B 143 -20.38 -5.26 12.57
N ARG B 144 -21.13 -6.37 12.60
CA ARG B 144 -21.21 -7.22 11.41
C ARG B 144 -21.82 -6.47 10.23
N GLU B 145 -22.88 -5.70 10.48
CA GLU B 145 -23.53 -4.95 9.39
C GLU B 145 -22.56 -3.95 8.77
N TRP B 146 -21.78 -3.24 9.59
CA TRP B 146 -20.79 -2.34 9.01
C TRP B 146 -19.65 -3.11 8.36
N THR B 147 -19.29 -4.29 8.87
CA THR B 147 -18.25 -5.05 8.17
C THR B 147 -18.72 -5.40 6.78
N GLN B 148 -19.95 -5.87 6.64
CA GLN B 148 -20.48 -6.20 5.31
C GLN B 148 -20.63 -4.95 4.45
N LYS B 149 -21.04 -3.83 5.04
CA LYS B 149 -21.31 -2.64 4.23
C LYS B 149 -20.04 -1.89 3.81
N TYR B 150 -19.03 -1.83 4.67
CA TYR B 150 -17.86 -1.00 4.40
C TYR B 150 -16.57 -1.76 4.18
N ALA B 151 -16.48 -3.02 4.61
CA ALA B 151 -15.20 -3.72 4.62
C ALA B 151 -15.23 -4.99 3.79
N MET B 152 -16.25 -5.17 2.97
CA MET B 152 -16.38 -6.34 2.11
C MET B 152 -16.72 -5.87 0.71
N SER C 8 -28.48 8.90 -35.28
CA SER C 8 -28.05 7.62 -34.73
C SER C 8 -28.39 6.46 -35.67
N PRO C 9 -27.36 5.76 -36.15
CA PRO C 9 -27.59 4.66 -37.08
C PRO C 9 -28.11 3.41 -36.37
N VAL C 10 -28.68 2.51 -37.18
CA VAL C 10 -29.39 1.35 -36.68
C VAL C 10 -29.08 0.14 -37.55
N CYS C 11 -28.92 -1.03 -36.91
CA CYS C 11 -28.77 -2.29 -37.62
C CYS C 11 -30.00 -2.57 -38.49
N LEU C 12 -29.75 -2.82 -39.78
CA LEU C 12 -30.84 -3.01 -40.72
C LEU C 12 -31.68 -4.25 -40.46
N LEU C 13 -31.19 -5.16 -39.62
CA LEU C 13 -31.81 -6.47 -39.47
C LEU C 13 -32.54 -6.65 -38.16
N CYS C 14 -31.98 -6.20 -37.04
CA CYS C 14 -32.69 -6.27 -35.78
C CYS C 14 -33.34 -4.95 -35.41
N LEU C 15 -33.00 -3.87 -36.10
CA LEU C 15 -33.61 -2.56 -35.90
C LEU C 15 -33.32 -2.02 -34.50
N GLN C 16 -32.03 -2.01 -34.14
CA GLN C 16 -31.62 -1.45 -32.86
C GLN C 16 -30.26 -0.77 -33.03
N GLU C 17 -29.78 -0.18 -31.93
CA GLU C 17 -28.54 0.57 -31.89
C GLU C 17 -27.33 -0.37 -31.79
N PRO C 18 -26.11 0.12 -32.06
CA PRO C 18 -24.93 -0.76 -32.05
C PRO C 18 -24.74 -1.56 -30.78
N GLY C 19 -25.01 -0.96 -29.61
CA GLY C 19 -25.07 -1.69 -28.37
C GLY C 19 -23.77 -2.36 -27.99
N ASP C 20 -23.90 -3.53 -27.37
CA ASP C 20 -22.77 -4.24 -26.80
C ASP C 20 -22.19 -5.20 -27.83
N PRO C 21 -20.94 -5.01 -28.25
CA PRO C 21 -20.35 -5.94 -29.24
C PRO C 21 -20.34 -7.38 -28.79
N GLU C 22 -20.32 -7.64 -27.48
CA GLU C 22 -20.30 -9.00 -26.98
C GLU C 22 -21.69 -9.63 -26.97
N LYS C 23 -22.75 -8.84 -27.10
CA LYS C 23 -24.07 -9.43 -27.24
C LYS C 23 -24.48 -9.57 -28.70
N LEU C 24 -24.15 -8.58 -29.53
CA LEU C 24 -24.64 -8.54 -30.90
C LEU C 24 -23.55 -8.53 -31.96
N GLY C 25 -22.29 -8.52 -31.57
CA GLY C 25 -21.22 -8.50 -32.53
C GLY C 25 -20.80 -7.09 -32.90
N GLU C 26 -19.61 -7.00 -33.47
CA GLU C 26 -19.10 -5.71 -33.92
C GLU C 26 -20.09 -5.07 -34.88
N PHE C 27 -20.34 -3.78 -34.68
CA PHE C 27 -21.29 -3.06 -35.53
C PHE C 27 -20.62 -2.73 -36.86
N LEU C 28 -21.01 -3.46 -37.90
CA LEU C 28 -20.38 -3.33 -39.20
C LEU C 28 -21.07 -2.26 -40.03
N GLN C 29 -20.28 -1.49 -40.78
CA GLN C 29 -20.85 -0.46 -41.65
C GLN C 29 -19.95 -0.30 -42.87
N LYS C 30 -20.34 -0.95 -43.97
CA LYS C 30 -19.63 -0.94 -45.23
C LYS C 30 -20.64 -0.83 -46.35
N ASP C 31 -20.25 -0.18 -47.44
CA ASP C 31 -21.09 -0.07 -48.64
C ASP C 31 -22.45 0.55 -48.29
N ASN C 32 -22.43 1.54 -47.40
CA ASN C 32 -23.59 2.35 -47.02
C ASN C 32 -24.60 1.58 -46.17
N LEU C 33 -24.22 0.43 -45.61
CA LEU C 33 -25.10 -0.40 -44.82
C LEU C 33 -24.71 -0.36 -43.34
N CYS C 34 -25.60 -0.89 -42.50
CA CYS C 34 -25.33 -1.03 -41.07
C CYS C 34 -25.98 -2.30 -40.58
N VAL C 35 -25.18 -3.26 -40.11
CA VAL C 35 -25.72 -4.50 -39.57
C VAL C 35 -24.78 -5.01 -38.47
N HIS C 36 -25.38 -5.53 -37.40
CA HIS C 36 -24.60 -6.23 -36.40
C HIS C 36 -23.99 -7.48 -37.00
N TYR C 37 -22.74 -7.76 -36.63
CA TYR C 37 -22.08 -8.95 -37.15
C TYR C 37 -22.85 -10.21 -36.77
N PHE C 38 -23.31 -10.30 -35.52
CA PHE C 38 -24.07 -11.50 -35.14
C PHE C 38 -25.42 -11.56 -35.86
N CYS C 39 -26.08 -10.41 -36.02
CA CYS C 39 -27.31 -10.39 -36.83
C CYS C 39 -27.03 -10.82 -38.25
N LEU C 40 -25.92 -10.34 -38.83
CA LEU C 40 -25.58 -10.68 -40.21
C LEU C 40 -25.36 -12.18 -40.37
N ILE C 41 -24.50 -12.77 -39.54
CA ILE C 41 -24.20 -14.19 -39.75
C ILE C 41 -25.33 -15.10 -39.28
N LEU C 42 -26.26 -14.62 -38.45
CA LEU C 42 -27.31 -15.47 -37.90
C LEU C 42 -28.66 -15.34 -38.59
N SER C 43 -28.79 -14.48 -39.61
CA SER C 43 -30.05 -14.36 -40.35
C SER C 43 -30.39 -15.67 -41.06
N SER C 44 -31.64 -16.08 -40.96
CA SER C 44 -31.97 -17.47 -41.25
C SER C 44 -32.06 -17.80 -42.74
N ARG C 45 -32.29 -16.81 -43.60
CA ARG C 45 -32.47 -17.11 -45.02
C ARG C 45 -31.64 -16.16 -45.88
N LEU C 46 -30.46 -15.78 -45.39
CA LEU C 46 -29.58 -14.86 -46.09
C LEU C 46 -28.43 -15.62 -46.72
N PRO C 47 -28.39 -15.74 -48.04
CA PRO C 47 -27.29 -16.47 -48.68
C PRO C 47 -25.99 -15.69 -48.63
N GLN C 48 -24.91 -16.41 -48.41
CA GLN C 48 -23.56 -15.85 -48.43
C GLN C 48 -22.98 -16.19 -49.81
N LYS C 49 -23.07 -15.25 -50.74
CA LYS C 49 -22.69 -15.53 -52.12
C LYS C 49 -21.26 -15.12 -52.46
N GLY C 50 -20.58 -14.42 -51.57
CA GLY C 50 -19.24 -13.94 -51.87
C GLY C 50 -18.10 -14.57 -51.09
N GLN C 51 -16.89 -14.48 -51.64
CA GLN C 51 -15.70 -14.80 -50.89
C GLN C 51 -15.51 -13.80 -49.77
N PRO C 52 -14.88 -14.20 -48.67
CA PRO C 52 -14.91 -13.37 -47.47
C PRO C 52 -14.35 -11.97 -47.68
N ASN C 53 -13.43 -11.78 -48.62
CA ASN C 53 -12.91 -10.44 -48.92
C ASN C 53 -13.84 -9.60 -49.80
N ARG C 54 -15.11 -10.00 -49.96
CA ARG C 54 -16.06 -9.28 -50.81
C ARG C 54 -17.36 -9.06 -50.05
N GLY C 55 -18.01 -7.94 -50.32
CA GLY C 55 -19.17 -7.56 -49.52
C GLY C 55 -18.79 -7.39 -48.06
N LEU C 56 -19.65 -7.88 -47.19
CA LEU C 56 -19.42 -7.85 -45.74
C LEU C 56 -19.20 -9.29 -45.32
N HIS C 57 -17.94 -9.68 -45.20
CA HIS C 57 -17.57 -11.04 -44.80
C HIS C 57 -18.17 -12.07 -45.77
N GLY C 58 -18.17 -11.74 -47.05
CA GLY C 58 -18.71 -12.60 -48.07
C GLY C 58 -20.19 -12.43 -48.31
N PHE C 59 -20.89 -11.68 -47.47
CA PHE C 59 -22.32 -11.41 -47.65
C PHE C 59 -22.50 -10.19 -48.55
N MET C 60 -23.37 -10.33 -49.53
CA MET C 60 -23.38 -9.24 -50.49
C MET C 60 -24.49 -8.25 -50.20
N PRO C 61 -24.21 -6.97 -50.43
CA PRO C 61 -25.16 -5.91 -50.07
C PRO C 61 -26.60 -6.11 -50.54
N GLU C 62 -26.81 -6.47 -51.80
CA GLU C 62 -28.19 -6.66 -52.27
C GLU C 62 -28.85 -7.83 -51.57
N ASP C 63 -28.11 -8.91 -51.35
CA ASP C 63 -28.69 -10.07 -50.67
C ASP C 63 -29.11 -9.70 -49.26
N ILE C 64 -28.28 -8.91 -48.58
CA ILE C 64 -28.60 -8.41 -47.24
C ILE C 64 -29.87 -7.55 -47.28
N LYS C 65 -29.97 -6.66 -48.27
CA LYS C 65 -31.16 -5.82 -48.37
C LYS C 65 -32.42 -6.65 -48.60
N ARG C 66 -32.33 -7.65 -49.47
CA ARG C 66 -33.48 -8.51 -49.75
C ARG C 66 -33.88 -9.29 -48.51
N GLU C 67 -32.89 -9.75 -47.74
CA GLU C 67 -33.17 -10.40 -46.46
C GLU C 67 -33.86 -9.45 -45.49
N ALA C 68 -33.44 -8.18 -45.49
CA ALA C 68 -34.11 -7.19 -44.66
C ALA C 68 -35.58 -7.02 -45.06
N VAL C 69 -35.85 -7.11 -46.37
CA VAL C 69 -37.22 -7.03 -46.87
C VAL C 69 -38.06 -8.19 -46.34
N ARG C 70 -37.57 -9.42 -46.51
CA ARG C 70 -38.36 -10.55 -46.00
C ARG C 70 -38.53 -10.45 -44.49
N ALA C 71 -37.52 -9.91 -43.79
CA ALA C 71 -37.65 -9.71 -42.36
C ALA C 71 -38.74 -8.71 -42.01
N SER C 72 -38.84 -7.61 -42.76
CA SER C 72 -39.93 -6.66 -42.54
C SER C 72 -41.28 -7.32 -42.78
N LYS C 73 -41.33 -8.39 -43.56
CA LYS C 73 -42.57 -9.15 -43.62
C LYS C 73 -42.87 -9.87 -42.31
N LYS C 74 -41.86 -10.25 -41.53
CA LYS C 74 -42.04 -11.16 -40.40
C LYS C 74 -42.26 -10.41 -39.08
N ILE C 75 -42.82 -11.12 -38.10
CA ILE C 75 -43.24 -10.53 -36.83
C ILE C 75 -42.50 -11.19 -35.66
N CYS C 76 -41.92 -10.36 -34.78
CA CYS C 76 -41.25 -10.85 -33.58
C CYS C 76 -42.28 -11.18 -32.50
N PHE C 77 -42.02 -12.24 -31.75
CA PHE C 77 -42.91 -12.60 -30.65
C PHE C 77 -42.52 -11.92 -29.35
N VAL C 78 -41.39 -11.22 -29.32
CA VAL C 78 -40.91 -10.60 -28.10
C VAL C 78 -41.40 -9.15 -28.07
N CYS C 79 -40.97 -8.35 -29.06
CA CYS C 79 -41.30 -6.93 -29.10
C CYS C 79 -42.56 -6.64 -29.90
N LYS C 80 -43.10 -7.64 -30.60
CA LYS C 80 -44.28 -7.48 -31.44
C LYS C 80 -44.08 -6.33 -32.45
N LYS C 81 -42.91 -6.31 -33.08
CA LYS C 81 -42.58 -5.35 -34.12
C LYS C 81 -42.00 -6.10 -35.31
N LYS C 82 -42.46 -5.73 -36.51
CA LYS C 82 -42.00 -6.44 -37.69
C LYS C 82 -40.51 -6.18 -37.93
N GLY C 83 -39.84 -7.17 -38.52
CA GLY C 83 -38.43 -7.07 -38.82
C GLY C 83 -37.60 -8.30 -38.48
N ALA C 84 -38.26 -9.36 -37.99
CA ALA C 84 -37.58 -10.54 -37.46
C ALA C 84 -36.75 -11.27 -38.51
N ALA C 85 -35.43 -11.24 -38.37
CA ALA C 85 -34.56 -11.85 -39.37
C ALA C 85 -34.20 -13.29 -39.06
N ILE C 86 -34.55 -13.79 -37.87
CA ILE C 86 -34.15 -15.11 -37.42
C ILE C 86 -35.40 -15.95 -37.15
N ARG C 87 -35.39 -17.18 -37.62
CA ARG C 87 -36.45 -18.15 -37.38
C ARG C 87 -35.90 -19.34 -36.60
N CYS C 88 -36.69 -19.87 -35.67
CA CYS C 88 -36.32 -21.11 -35.01
C CYS C 88 -36.18 -22.21 -36.06
N GLN C 89 -35.08 -22.97 -35.99
CA GLN C 89 -34.75 -23.92 -37.04
C GLN C 89 -35.32 -25.30 -36.81
N ASN C 90 -36.15 -25.48 -35.79
CA ASN C 90 -37.04 -26.64 -35.80
C ASN C 90 -37.98 -26.52 -36.98
N ASP C 91 -38.20 -27.62 -37.69
CA ASP C 91 -39.06 -27.59 -38.87
C ASP C 91 -40.50 -27.21 -38.53
N GLN C 92 -41.05 -27.76 -37.43
CA GLN C 92 -42.43 -27.43 -37.08
C GLN C 92 -42.57 -26.10 -36.35
N CYS C 93 -41.49 -25.44 -35.96
CA CYS C 93 -41.59 -24.19 -35.22
C CYS C 93 -41.69 -23.03 -36.21
N VAL C 94 -42.59 -22.07 -35.91
CA VAL C 94 -42.78 -20.91 -36.76
C VAL C 94 -42.45 -19.64 -35.98
N GLN C 95 -41.51 -19.74 -35.06
CA GLN C 95 -41.21 -18.67 -34.10
C GLN C 95 -40.15 -17.76 -34.70
N ASN C 96 -40.52 -16.52 -35.00
CA ASN C 96 -39.63 -15.54 -35.61
C ASN C 96 -39.30 -14.43 -34.61
N PHE C 97 -38.05 -13.95 -34.63
CA PHE C 97 -37.64 -12.96 -33.66
C PHE C 97 -36.43 -12.17 -34.15
N HIS C 98 -36.21 -11.02 -33.53
CA HIS C 98 -34.97 -10.27 -33.68
C HIS C 98 -33.95 -10.86 -32.71
N LEU C 99 -32.68 -10.92 -33.12
CA LEU C 99 -31.63 -11.46 -32.27
C LEU C 99 -31.59 -10.83 -30.88
N PRO C 100 -31.58 -9.49 -30.73
CA PRO C 100 -31.62 -8.91 -29.38
C PRO C 100 -32.82 -9.33 -28.58
N CYS C 101 -33.99 -9.40 -29.24
CA CYS C 101 -35.19 -9.84 -28.53
C CYS C 101 -35.06 -11.29 -28.09
N GLY C 102 -34.50 -12.14 -28.94
CA GLY C 102 -34.38 -13.54 -28.59
C GLY C 102 -33.43 -13.79 -27.45
N GLN C 103 -32.33 -13.03 -27.39
CA GLN C 103 -31.31 -13.28 -26.36
C GLN C 103 -31.89 -13.21 -24.95
N GLU C 104 -32.80 -12.27 -24.71
CA GLU C 104 -33.39 -12.13 -23.38
C GLU C 104 -34.62 -13.01 -23.17
N ARG C 105 -34.82 -14.02 -24.01
CA ARG C 105 -35.97 -14.91 -23.86
C ARG C 105 -35.60 -16.38 -24.07
N GLY C 106 -34.37 -16.77 -23.73
CA GLY C 106 -33.99 -18.18 -23.77
C GLY C 106 -33.56 -18.72 -25.11
N CYS C 107 -33.46 -17.86 -26.13
CA CYS C 107 -33.06 -18.33 -27.45
C CYS C 107 -31.56 -18.60 -27.51
N LEU C 108 -31.21 -19.54 -28.38
CA LEU C 108 -29.84 -20.04 -28.50
C LEU C 108 -29.45 -19.98 -29.96
N SER C 109 -28.37 -19.27 -30.25
CA SER C 109 -27.82 -19.21 -31.60
C SER C 109 -26.53 -20.01 -31.66
N GLN C 110 -26.38 -20.82 -32.70
CA GLN C 110 -25.17 -21.59 -32.92
C GLN C 110 -24.28 -20.86 -33.92
N PHE C 111 -23.00 -20.79 -33.60
CA PHE C 111 -22.06 -20.04 -34.43
C PHE C 111 -21.13 -21.01 -35.17
N PHE C 112 -21.70 -22.01 -35.81
CA PHE C 112 -20.92 -22.92 -36.64
C PHE C 112 -21.82 -23.42 -37.76
N GLY C 113 -21.22 -23.94 -38.81
CA GLY C 113 -21.98 -24.58 -39.86
C GLY C 113 -22.96 -23.63 -40.53
N GLU C 114 -24.23 -24.02 -40.54
CA GLU C 114 -25.31 -23.23 -41.11
C GLU C 114 -25.80 -22.13 -40.18
N TYR C 115 -25.04 -21.85 -39.12
CA TYR C 115 -25.36 -20.90 -38.05
C TYR C 115 -26.85 -20.86 -37.72
N LYS C 116 -27.40 -22.00 -37.32
CA LYS C 116 -28.81 -22.08 -36.98
C LYS C 116 -29.09 -21.52 -35.58
N SER C 117 -30.28 -20.97 -35.40
CA SER C 117 -30.74 -20.56 -34.07
C SER C 117 -32.00 -21.35 -33.68
N TYR C 118 -32.37 -21.24 -32.40
CA TYR C 118 -33.47 -22.02 -31.85
C TYR C 118 -34.17 -21.23 -30.76
N CYS C 119 -35.45 -21.51 -30.57
CA CYS C 119 -36.17 -20.89 -29.46
C CYS C 119 -36.04 -21.77 -28.22
N ARG C 120 -36.64 -21.32 -27.11
CA ARG C 120 -36.41 -21.99 -25.83
C ARG C 120 -36.88 -23.45 -25.89
N LYS C 121 -38.01 -23.71 -26.56
CA LYS C 121 -38.53 -25.07 -26.62
C LYS C 121 -37.59 -26.01 -27.37
N HIS C 122 -36.97 -25.53 -28.45
CA HIS C 122 -36.22 -26.42 -29.34
C HIS C 122 -34.72 -26.19 -29.27
N ARG C 123 -34.23 -25.70 -28.16
CA ARG C 123 -32.80 -25.46 -28.08
C ARG C 123 -32.06 -26.72 -27.67
N PRO C 124 -30.78 -26.83 -28.03
CA PRO C 124 -29.99 -28.00 -27.62
C PRO C 124 -29.83 -28.01 -26.12
N THR C 125 -29.91 -29.21 -25.53
CA THR C 125 -29.78 -29.34 -24.09
C THR C 125 -28.57 -30.20 -23.76
N GLN C 126 -28.30 -30.29 -22.46
CA GLN C 126 -27.34 -31.23 -21.91
C GLN C 126 -28.03 -32.03 -20.80
N ASN C 127 -27.52 -33.24 -20.55
CA ASN C 127 -28.05 -34.07 -19.46
C ASN C 127 -27.28 -33.79 -18.17
N ILE C 128 -27.50 -32.59 -17.65
CA ILE C 128 -26.89 -32.17 -16.39
C ILE C 128 -27.71 -32.69 -15.23
N HIS C 129 -27.07 -33.40 -14.31
CA HIS C 129 -27.75 -33.90 -13.14
C HIS C 129 -28.04 -32.74 -12.19
N GLN C 130 -29.32 -32.40 -12.04
CA GLN C 130 -29.78 -31.32 -11.17
C GLN C 130 -29.57 -31.59 -9.70
N GLY C 131 -29.20 -32.83 -9.33
CA GLY C 131 -29.32 -33.26 -7.94
C GLY C 131 -28.43 -32.51 -6.99
N SER C 132 -27.15 -32.34 -7.35
CA SER C 132 -26.24 -31.68 -6.42
C SER C 132 -25.27 -30.75 -7.13
N LEU C 133 -25.72 -30.09 -8.21
CA LEU C 133 -24.90 -29.07 -8.86
C LEU C 133 -24.69 -27.86 -7.97
N GLY C 134 -25.45 -27.74 -6.87
CA GLY C 134 -25.23 -26.70 -5.88
C GLY C 134 -24.02 -26.91 -4.99
N GLU C 135 -23.45 -28.12 -4.96
CA GLU C 135 -22.20 -28.34 -4.25
C GLU C 135 -21.00 -27.81 -5.02
N GLU C 136 -21.05 -27.91 -6.34
CA GLU C 136 -19.98 -27.48 -7.22
C GLU C 136 -20.13 -26.01 -7.58
N SER C 137 -19.04 -25.44 -8.10
CA SER C 137 -19.03 -24.03 -8.48
C SER C 137 -18.24 -23.85 -9.77
N CYS C 138 -18.49 -22.70 -10.42
CA CYS C 138 -17.81 -22.30 -11.65
C CYS C 138 -16.33 -22.08 -11.38
N VAL C 139 -15.47 -22.84 -12.04
CA VAL C 139 -14.04 -22.81 -11.74
C VAL C 139 -13.42 -21.55 -12.34
N LEU C 140 -14.22 -20.79 -13.07
CA LEU C 140 -13.79 -19.53 -13.69
C LEU C 140 -13.99 -18.34 -12.77
N CYS C 141 -15.23 -18.07 -12.37
CA CYS C 141 -15.50 -16.97 -11.44
C CYS C 141 -15.44 -17.39 -9.98
N CYS C 142 -15.33 -18.70 -9.71
CA CYS C 142 -15.25 -19.24 -8.35
C CYS C 142 -16.51 -18.92 -7.54
N GLU C 143 -17.66 -18.94 -8.19
CA GLU C 143 -18.93 -18.68 -7.51
C GLU C 143 -19.88 -19.84 -7.78
N ASN C 144 -20.77 -20.08 -6.82
CA ASN C 144 -21.68 -21.22 -6.92
C ASN C 144 -22.55 -21.10 -8.17
N LEU C 145 -22.87 -22.26 -8.76
CA LEU C 145 -23.54 -22.32 -10.05
C LEU C 145 -25.00 -21.87 -9.93
N SER C 146 -25.60 -21.59 -11.08
CA SER C 146 -26.92 -20.96 -11.15
C SER C 146 -28.03 -21.94 -10.81
N ARG C 147 -29.08 -21.45 -10.13
CA ARG C 147 -30.29 -22.23 -9.96
C ARG C 147 -31.03 -22.41 -11.28
N THR C 148 -30.98 -21.39 -12.14
CA THR C 148 -31.54 -21.43 -13.50
C THR C 148 -30.63 -22.33 -14.34
N SER C 149 -31.06 -23.57 -14.58
CA SER C 149 -30.16 -24.59 -15.12
C SER C 149 -29.71 -24.31 -16.55
N VAL C 150 -30.48 -23.54 -17.33
CA VAL C 150 -30.08 -23.22 -18.70
C VAL C 150 -28.81 -22.37 -18.71
N GLU C 151 -28.61 -21.55 -17.68
CA GLU C 151 -27.46 -20.66 -17.61
C GLU C 151 -26.15 -21.39 -17.32
N ASN C 152 -26.17 -22.71 -17.18
CA ASN C 152 -24.97 -23.49 -16.94
C ASN C 152 -24.64 -24.27 -18.21
N ILE C 153 -23.35 -24.51 -18.41
CA ILE C 153 -22.89 -25.40 -19.48
C ILE C 153 -21.94 -26.42 -18.86
N GLN C 154 -22.09 -27.67 -19.24
CA GLN C 154 -21.23 -28.71 -18.72
C GLN C 154 -20.15 -29.02 -19.75
N SER C 155 -18.92 -29.20 -19.26
CA SER C 155 -17.84 -29.59 -20.14
C SER C 155 -17.97 -31.07 -20.49
N PRO C 156 -17.60 -31.46 -21.69
CA PRO C 156 -17.75 -32.87 -22.09
C PRO C 156 -16.54 -33.71 -21.76
N CYS C 157 -15.39 -33.07 -21.57
CA CYS C 157 -14.14 -33.80 -21.73
C CYS C 157 -13.70 -34.52 -20.47
N CYS C 158 -13.40 -33.79 -19.41
CA CYS C 158 -12.89 -34.45 -18.21
C CYS C 158 -13.62 -33.89 -17.00
N SER C 159 -13.89 -34.77 -16.05
CA SER C 159 -14.48 -34.41 -14.77
C SER C 159 -15.82 -33.68 -15.00
N GLN C 160 -16.26 -33.65 -16.27
CA GLN C 160 -17.53 -33.06 -16.70
C GLN C 160 -17.82 -31.76 -15.97
N ALA C 161 -16.83 -30.88 -15.82
CA ALA C 161 -17.03 -29.68 -15.01
C ALA C 161 -18.14 -28.80 -15.59
N ILE C 162 -18.82 -28.05 -14.74
CA ILE C 162 -19.91 -27.24 -15.24
C ILE C 162 -19.63 -25.79 -14.95
N TYR C 163 -20.05 -24.91 -15.82
CA TYR C 163 -19.71 -23.54 -15.66
C TYR C 163 -20.85 -22.66 -16.02
N HIS C 164 -20.69 -21.38 -15.75
CA HIS C 164 -21.75 -20.43 -16.06
C HIS C 164 -21.57 -20.19 -17.55
N ARG C 165 -22.69 -20.09 -18.29
CA ARG C 165 -22.58 -19.74 -19.71
C ARG C 165 -21.89 -18.39 -19.88
N LYS C 166 -22.27 -17.41 -19.07
CA LYS C 166 -21.69 -16.07 -19.22
C LYS C 166 -20.18 -16.13 -19.12
N CYS C 167 -19.66 -16.86 -18.14
CA CYS C 167 -18.21 -16.95 -17.94
C CYS C 167 -17.54 -17.71 -19.08
N ILE C 168 -18.18 -18.76 -19.58
CA ILE C 168 -17.65 -19.46 -20.74
C ILE C 168 -17.58 -18.54 -21.93
N GLN C 169 -18.62 -17.75 -22.19
CA GLN C 169 -18.60 -16.86 -23.35
C GLN C 169 -17.57 -15.74 -23.17
N LYS C 170 -17.45 -15.19 -21.96
CA LYS C 170 -16.43 -14.19 -21.71
C LYS C 170 -15.04 -14.79 -21.93
N TYR C 171 -14.84 -16.03 -21.48
CA TYR C 171 -13.60 -16.75 -21.76
C TYR C 171 -13.38 -16.93 -23.26
N ALA C 172 -14.40 -17.35 -24.00
CA ALA C 172 -14.19 -17.56 -25.43
C ALA C 172 -13.89 -16.24 -26.15
N HIS C 173 -14.54 -15.14 -25.75
CA HIS C 173 -14.29 -13.84 -26.36
C HIS C 173 -12.93 -13.28 -25.99
N THR C 174 -12.50 -13.47 -24.75
CA THR C 174 -11.25 -12.88 -24.32
C THR C 174 -10.07 -13.74 -24.77
N SER C 175 -10.06 -15.02 -24.38
CA SER C 175 -8.96 -15.88 -24.80
C SER C 175 -8.98 -16.13 -26.29
N ALA C 176 -10.15 -16.05 -26.90
CA ALA C 176 -10.29 -16.34 -28.34
C ALA C 176 -10.05 -17.80 -28.69
N LYS C 177 -9.95 -18.14 -29.96
CA LYS C 177 -10.02 -19.54 -30.39
C LYS C 177 -8.80 -20.37 -30.03
N HIS C 178 -7.58 -19.83 -30.23
CA HIS C 178 -6.38 -20.63 -30.03
C HIS C 178 -6.13 -20.92 -28.56
N PHE C 179 -6.53 -20.01 -27.69
CA PHE C 179 -6.34 -20.16 -26.27
C PHE C 179 -7.57 -20.65 -25.56
N PHE C 180 -8.56 -21.16 -26.30
CA PHE C 180 -9.85 -21.54 -25.74
C PHE C 180 -9.90 -23.05 -25.71
N LYS C 181 -9.63 -23.60 -24.53
CA LYS C 181 -9.51 -25.02 -24.31
C LYS C 181 -10.01 -25.31 -22.91
N CYS C 182 -10.11 -26.59 -22.59
CA CYS C 182 -10.51 -26.95 -21.23
C CYS C 182 -9.48 -26.41 -20.26
N PRO C 183 -9.87 -25.61 -19.27
CA PRO C 183 -8.89 -25.13 -18.29
C PRO C 183 -8.21 -26.28 -17.56
N GLN C 184 -8.91 -27.39 -17.36
CA GLN C 184 -8.35 -28.50 -16.60
C GLN C 184 -7.43 -29.37 -17.44
N CYS C 185 -7.96 -30.01 -18.49
CA CYS C 185 -7.20 -31.01 -19.23
C CYS C 185 -6.61 -30.50 -20.54
N ASN C 186 -6.79 -29.23 -20.87
CA ASN C 186 -6.29 -28.61 -22.10
C ASN C 186 -6.94 -29.14 -23.37
N ASN C 187 -8.07 -29.83 -23.28
CA ASN C 187 -8.71 -30.36 -24.47
C ASN C 187 -9.12 -29.22 -25.41
N ARG C 188 -8.64 -29.30 -26.66
CA ARG C 188 -8.94 -28.32 -27.68
C ARG C 188 -9.80 -28.92 -28.81
N GLU C 189 -10.33 -30.14 -28.63
CA GLU C 189 -11.18 -30.74 -29.64
C GLU C 189 -12.62 -30.93 -29.15
N GLU C 190 -12.85 -31.80 -28.17
CA GLU C 190 -14.24 -32.09 -27.77
C GLU C 190 -14.82 -30.95 -26.96
N PHE C 191 -13.98 -30.31 -26.11
CA PHE C 191 -14.45 -29.20 -25.29
C PHE C 191 -14.98 -28.03 -26.12
N PRO C 192 -14.19 -27.42 -27.02
CA PRO C 192 -14.76 -26.32 -27.81
C PRO C 192 -15.90 -26.77 -28.71
N GLN C 193 -15.91 -28.01 -29.23
CA GLN C 193 -17.03 -28.41 -30.07
C GLN C 193 -18.33 -28.44 -29.28
N GLU C 194 -18.31 -28.99 -28.06
CA GLU C 194 -19.51 -28.97 -27.23
C GLU C 194 -19.91 -27.55 -26.89
N MET C 195 -18.93 -26.67 -26.64
CA MET C 195 -19.29 -25.28 -26.38
C MET C 195 -19.94 -24.66 -27.61
N LEU C 196 -19.45 -25.01 -28.79
CA LEU C 196 -20.07 -24.52 -30.02
C LEU C 196 -21.53 -24.95 -30.10
N ARG C 197 -21.78 -26.24 -29.83
CA ARG C 197 -23.13 -26.78 -29.93
C ARG C 197 -24.10 -26.05 -29.00
N MET C 198 -23.62 -25.63 -27.84
CA MET C 198 -24.46 -25.01 -26.83
C MET C 198 -24.57 -23.50 -26.99
N GLY C 199 -24.09 -22.95 -28.10
CA GLY C 199 -24.34 -21.57 -28.44
C GLY C 199 -23.24 -20.59 -28.12
N ILE C 200 -22.01 -21.05 -27.91
CA ILE C 200 -20.90 -20.16 -27.59
C ILE C 200 -20.24 -19.67 -28.89
N HIS C 201 -20.03 -18.37 -28.98
CA HIS C 201 -19.29 -17.78 -30.08
C HIS C 201 -17.79 -17.78 -29.77
N ILE C 202 -17.00 -18.37 -30.64
CA ILE C 202 -15.54 -18.48 -30.48
C ILE C 202 -14.87 -17.72 -31.62
N PRO C 203 -14.46 -16.48 -31.40
CA PRO C 203 -13.84 -15.70 -32.49
C PRO C 203 -12.47 -16.23 -32.90
N ASP C 204 -12.18 -16.14 -34.20
CA ASP C 204 -10.87 -16.46 -34.75
C ASP C 204 -10.03 -15.19 -34.77
N ARG C 205 -9.37 -14.93 -33.65
CA ARG C 205 -8.52 -13.76 -33.48
C ARG C 205 -7.56 -14.04 -32.34
N ASP C 206 -6.60 -13.15 -32.16
CA ASP C 206 -5.61 -13.36 -31.11
C ASP C 206 -6.24 -13.09 -29.74
N ALA C 207 -5.48 -13.36 -28.68
CA ALA C 207 -6.00 -13.14 -27.34
C ALA C 207 -6.14 -11.65 -27.04
N ALA C 208 -7.09 -11.33 -26.17
CA ALA C 208 -7.38 -9.93 -25.85
C ALA C 208 -6.16 -9.22 -25.25
N TRP C 209 -5.39 -9.91 -24.41
CA TRP C 209 -4.22 -9.31 -23.79
C TRP C 209 -3.08 -9.07 -24.76
N GLU C 210 -3.16 -9.59 -25.98
CA GLU C 210 -2.24 -9.24 -27.05
C GLU C 210 -2.76 -8.12 -27.95
N LEU C 211 -4.07 -7.96 -28.05
CA LEU C 211 -4.65 -6.95 -28.92
C LEU C 211 -4.59 -5.57 -28.30
N GLU C 212 -4.25 -5.47 -27.02
CA GLU C 212 -4.20 -4.17 -26.38
C GLU C 212 -3.02 -3.37 -26.93
N PRO C 213 -3.22 -2.09 -27.25
CA PRO C 213 -2.11 -1.29 -27.79
C PRO C 213 -0.97 -1.20 -26.78
N GLY C 214 0.25 -1.37 -27.30
CA GLY C 214 1.42 -1.36 -26.43
C GLY C 214 1.45 -2.49 -25.44
N ALA C 215 0.91 -3.64 -25.82
CA ALA C 215 0.88 -4.79 -24.91
C ALA C 215 2.28 -5.24 -24.59
N PHE C 216 2.57 -5.39 -23.30
CA PHE C 216 3.81 -5.99 -22.82
C PHE C 216 5.04 -5.22 -23.24
N SER C 217 4.87 -3.96 -23.66
CA SER C 217 6.00 -3.17 -24.11
C SER C 217 7.04 -3.02 -23.00
N GLU C 218 6.61 -3.04 -21.76
CA GLU C 218 7.52 -2.82 -20.63
C GLU C 218 8.61 -3.88 -20.58
N LEU C 219 8.34 -5.08 -21.09
CA LEU C 219 9.34 -6.13 -21.03
C LEU C 219 10.57 -5.78 -21.87
N TYR C 220 10.35 -5.26 -23.08
CA TYR C 220 11.44 -5.11 -24.03
C TYR C 220 12.14 -3.78 -23.91
N GLN C 221 11.75 -2.96 -22.93
CA GLN C 221 12.41 -1.68 -22.69
C GLN C 221 13.86 -1.91 -22.29
N ARG C 222 14.75 -1.12 -22.87
CA ARG C 222 16.14 -1.13 -22.46
C ARG C 222 16.36 0.18 -21.72
N TYR C 223 17.53 0.26 -21.11
CA TYR C 223 17.86 1.40 -20.27
C TYR C 223 18.76 2.44 -20.90
N ARG C 224 18.36 3.68 -20.77
CA ARG C 224 19.08 4.81 -21.37
C ARG C 224 19.03 5.97 -20.39
N HIS C 225 19.46 5.73 -19.15
CA HIS C 225 19.66 6.77 -18.15
C HIS C 225 21.12 6.80 -17.70
N CYS C 226 21.64 8.00 -17.46
CA CYS C 226 22.98 8.13 -16.91
C CYS C 226 22.93 8.09 -15.39
N ASP C 227 23.87 7.36 -14.79
CA ASP C 227 23.81 7.03 -13.38
C ASP C 227 25.11 7.37 -12.65
N ALA C 228 26.02 8.08 -13.31
CA ALA C 228 27.27 8.46 -12.69
C ALA C 228 27.02 9.48 -11.58
N PRO C 229 27.90 9.53 -10.57
CA PRO C 229 27.76 10.59 -9.55
C PRO C 229 27.74 11.99 -10.14
N ILE C 230 28.52 12.23 -11.18
CA ILE C 230 28.41 13.43 -11.99
C ILE C 230 28.16 13.03 -13.44
N CYS C 231 27.13 13.61 -14.02
CA CYS C 231 26.82 13.45 -15.44
C CYS C 231 27.29 14.72 -16.15
N LEU C 232 28.16 14.56 -17.14
CA LEU C 232 28.87 15.67 -17.77
C LEU C 232 28.23 16.12 -19.09
N TYR C 233 27.05 15.61 -19.42
CA TYR C 233 26.33 15.99 -20.63
C TYR C 233 25.04 16.65 -20.20
N GLU C 234 24.84 17.90 -20.62
CA GLU C 234 23.79 18.72 -20.05
C GLU C 234 22.55 18.79 -20.94
N GLN C 235 22.52 18.04 -22.04
CA GLN C 235 21.31 17.85 -22.81
C GLN C 235 20.47 16.69 -22.27
N GLY C 236 20.65 16.35 -20.99
CA GLY C 236 19.80 15.39 -20.31
C GLY C 236 20.59 14.16 -19.87
N ARG C 237 20.42 13.81 -18.59
CA ARG C 237 20.86 12.51 -18.10
C ARG C 237 20.15 11.37 -18.80
N ASP C 238 19.14 11.67 -19.62
CA ASP C 238 18.33 10.69 -20.31
C ASP C 238 18.49 10.75 -21.82
N SER C 239 19.14 11.79 -22.36
CA SER C 239 19.37 11.92 -23.79
C SER C 239 20.82 11.59 -24.10
N PHE C 240 21.03 10.77 -25.14
CA PHE C 240 22.35 10.29 -25.51
C PHE C 240 22.60 10.58 -26.99
N GLU C 241 23.84 10.92 -27.32
CA GLU C 241 24.23 11.05 -28.71
C GLU C 241 24.33 9.66 -29.36
N ASP C 242 23.98 9.60 -30.64
CA ASP C 242 23.95 8.31 -31.34
C ASP C 242 25.33 7.68 -31.43
N GLU C 243 26.39 8.48 -31.52
CA GLU C 243 27.74 7.97 -31.53
C GLU C 243 28.66 9.04 -30.94
N GLY C 244 29.93 8.71 -30.81
CA GLY C 244 30.90 9.68 -30.36
C GLY C 244 31.10 9.73 -28.86
N ARG C 245 31.37 10.93 -28.35
CA ARG C 245 31.80 11.10 -26.96
C ARG C 245 30.65 11.06 -25.96
N TRP C 246 29.40 11.02 -26.42
CA TRP C 246 28.26 10.94 -25.51
C TRP C 246 27.37 9.73 -25.78
N ARG C 247 27.90 8.72 -26.47
CA ARG C 247 27.14 7.50 -26.72
C ARG C 247 26.84 6.78 -25.41
N LEU C 248 25.68 6.13 -25.39
CA LEU C 248 25.28 5.32 -24.25
C LEU C 248 26.24 4.17 -24.02
N ILE C 249 26.68 3.99 -22.78
CA ILE C 249 27.40 2.78 -22.40
C ILE C 249 26.72 2.19 -21.18
N LEU C 250 26.36 0.91 -21.27
CA LEU C 250 25.70 0.18 -20.20
C LEU C 250 26.68 -0.72 -19.48
N CYS C 251 26.43 -0.92 -18.18
CA CYS C 251 27.27 -1.80 -17.38
C CYS C 251 27.33 -3.18 -18.02
N ALA C 252 28.55 -3.67 -18.24
CA ALA C 252 28.71 -4.95 -18.91
C ALA C 252 28.17 -6.09 -18.06
N THR C 253 28.02 -5.88 -16.77
CA THR C 253 27.66 -6.93 -15.82
C THR C 253 26.17 -6.97 -15.49
N CYS C 254 25.53 -5.82 -15.23
CA CYS C 254 24.11 -5.84 -14.91
C CYS C 254 23.20 -5.33 -16.01
N GLY C 255 23.72 -4.54 -16.95
CA GLY C 255 22.84 -3.91 -17.91
C GLY C 255 21.81 -2.98 -17.33
N SER C 256 21.88 -2.69 -16.04
CA SER C 256 20.89 -1.86 -15.36
C SER C 256 21.56 -0.68 -14.64
N HIS C 257 22.67 -0.20 -15.19
CA HIS C 257 23.30 1.07 -14.84
C HIS C 257 24.14 1.50 -16.04
N GLY C 258 24.07 2.77 -16.41
CA GLY C 258 24.81 3.23 -17.57
C GLY C 258 25.18 4.69 -17.44
N THR C 259 26.13 5.11 -18.28
CA THR C 259 26.53 6.52 -18.33
C THR C 259 26.90 6.90 -19.76
N HIS C 260 27.38 8.14 -19.90
CA HIS C 260 28.06 8.57 -21.11
C HIS C 260 29.49 8.05 -21.10
N ARG C 261 30.18 8.22 -22.22
CA ARG C 261 31.56 7.79 -22.30
C ARG C 261 32.48 8.71 -21.50
N ASP C 262 32.15 9.98 -21.39
CA ASP C 262 32.98 10.96 -20.70
C ASP C 262 32.46 11.31 -19.30
N CYS C 263 31.38 10.66 -18.84
CA CYS C 263 30.93 10.88 -17.47
C CYS C 263 31.78 10.12 -16.46
N SER C 264 32.17 8.89 -16.80
CA SER C 264 33.06 8.09 -15.96
C SER C 264 34.49 8.09 -16.47
N SER C 265 34.79 8.91 -17.49
CA SER C 265 36.14 9.06 -18.03
C SER C 265 36.70 7.72 -18.53
N LEU C 266 36.05 7.19 -19.55
CA LEU C 266 36.55 6.00 -20.25
C LEU C 266 36.81 6.37 -21.71
N ARG C 267 37.15 5.36 -22.52
CA ARG C 267 37.54 5.58 -23.91
C ARG C 267 37.07 4.36 -24.71
N PRO C 268 37.22 4.41 -26.04
CA PRO C 268 36.98 3.19 -26.83
C PRO C 268 37.89 2.03 -26.44
N ASN C 269 39.08 2.31 -25.91
CA ASN C 269 40.01 1.26 -25.49
C ASN C 269 39.36 0.34 -24.45
N SER C 270 38.52 0.90 -23.59
CA SER C 270 37.73 0.12 -22.66
C SER C 270 36.36 -0.15 -23.29
N LYS C 271 36.03 -1.45 -23.42
CA LYS C 271 34.80 -1.90 -24.04
C LYS C 271 33.90 -2.67 -23.08
N LYS C 272 34.39 -2.95 -21.86
CA LYS C 272 33.61 -3.59 -20.81
C LYS C 272 33.65 -2.65 -19.61
N TRP C 273 32.78 -1.64 -19.62
CA TRP C 273 32.60 -0.78 -18.47
C TRP C 273 31.72 -1.48 -17.45
N GLU C 274 32.00 -1.25 -16.17
CA GLU C 274 31.10 -1.75 -15.13
C GLU C 274 30.75 -0.62 -14.15
N CYS C 275 29.50 -0.63 -13.70
CA CYS C 275 29.06 0.33 -12.71
C CYS C 275 29.56 -0.08 -11.33
N ASN C 276 29.44 0.86 -10.39
CA ASN C 276 29.91 0.60 -9.03
C ASN C 276 29.17 -0.57 -8.38
N GLU C 277 27.91 -0.77 -8.72
CA GLU C 277 27.11 -1.83 -8.11
C GLU C 277 27.62 -3.22 -8.44
N CYS C 278 28.51 -3.33 -9.43
CA CYS C 278 29.03 -4.61 -9.88
C CYS C 278 30.54 -4.68 -9.69
N LEU C 279 31.16 -3.59 -9.24
CA LEU C 279 32.61 -3.47 -9.18
C LEU C 279 32.99 -2.20 -8.42
N GLY D 2 -22.11 -7.17 -13.60
CA GLY D 2 -20.95 -7.98 -13.96
C GLY D 2 -19.72 -7.16 -14.32
N GLY D 3 -18.71 -7.85 -14.87
CA GLY D 3 -17.45 -7.22 -15.21
C GLY D 3 -16.66 -6.92 -13.96
N ILE D 4 -16.62 -5.63 -13.59
CA ILE D 4 -15.93 -5.22 -12.37
C ILE D 4 -16.47 -5.98 -11.16
N LEU D 5 -17.79 -6.14 -11.05
CA LEU D 5 -18.33 -6.88 -9.91
C LEU D 5 -17.79 -8.30 -9.88
N MET D 6 -17.74 -8.96 -11.05
CA MET D 6 -17.22 -10.32 -11.09
C MET D 6 -15.77 -10.36 -10.65
N ALA D 7 -14.98 -9.37 -11.10
CA ALA D 7 -13.58 -9.29 -10.71
C ALA D 7 -13.44 -9.10 -9.20
N LEU D 8 -14.20 -8.18 -8.61
CA LEU D 8 -14.11 -7.97 -7.18
C LEU D 8 -14.46 -9.23 -6.41
N LYS D 9 -15.50 -9.94 -6.84
CA LYS D 9 -15.85 -11.16 -6.12
C LYS D 9 -14.74 -12.21 -6.24
N ARG D 10 -14.11 -12.32 -7.39
CA ARG D 10 -13.03 -13.27 -7.46
C ARG D 10 -11.90 -12.87 -6.56
N ILE D 11 -11.48 -11.63 -6.69
CA ILE D 11 -10.34 -11.13 -5.94
C ILE D 11 -10.59 -11.34 -4.44
N HIS D 12 -11.80 -11.06 -3.97
CA HIS D 12 -12.10 -11.34 -2.56
C HIS D 12 -12.04 -12.84 -2.27
N LYS D 13 -12.50 -13.69 -3.19
CA LYS D 13 -12.34 -15.14 -3.00
C LYS D 13 -10.88 -15.51 -2.80
N GLU D 14 -10.00 -14.99 -3.66
CA GLU D 14 -8.60 -15.39 -3.55
C GLU D 14 -7.99 -14.86 -2.26
N LEU D 15 -8.37 -13.63 -1.88
CA LEU D 15 -7.83 -13.08 -0.64
C LEU D 15 -8.29 -13.89 0.56
N ASN D 16 -9.57 -14.25 0.63
CA ASN D 16 -10.03 -15.06 1.76
C ASN D 16 -9.33 -16.40 1.77
N ASP D 17 -9.11 -17.01 0.60
CA ASP D 17 -8.41 -18.28 0.60
C ASP D 17 -7.00 -18.15 1.16
N LEU D 18 -6.28 -17.12 0.72
CA LEU D 18 -4.95 -16.89 1.30
C LEU D 18 -5.02 -16.58 2.79
N ALA D 19 -6.06 -15.89 3.25
CA ALA D 19 -6.16 -15.57 4.66
C ALA D 19 -6.47 -16.78 5.52
N ARG D 20 -7.28 -17.72 5.02
CA ARG D 20 -7.68 -18.85 5.83
C ARG D 20 -6.66 -19.98 5.77
N ASP D 21 -5.83 -20.03 4.72
CA ASP D 21 -4.71 -20.97 4.63
C ASP D 21 -3.50 -20.19 4.12
N PRO D 22 -2.85 -19.41 4.98
CA PRO D 22 -1.78 -18.51 4.53
C PRO D 22 -0.54 -19.28 4.13
N PRO D 23 0.00 -19.03 2.94
CA PRO D 23 1.34 -19.52 2.63
C PRO D 23 2.39 -18.84 3.49
N ALA D 24 3.50 -19.54 3.74
CA ALA D 24 4.64 -18.97 4.44
C ALA D 24 5.74 -18.49 3.51
N GLN D 25 5.85 -19.08 2.32
CA GLN D 25 6.82 -18.64 1.32
C GLN D 25 6.44 -17.32 0.65
N CYS D 26 5.19 -16.88 0.82
CA CYS D 26 4.67 -15.69 0.16
C CYS D 26 3.63 -15.04 1.07
N ARG D 27 3.34 -13.78 0.79
CA ARG D 27 2.20 -13.07 1.36
C ARG D 27 1.76 -12.02 0.36
N ALA D 28 0.46 -11.77 0.31
CA ALA D 28 -0.09 -10.89 -0.71
C ALA D 28 -1.41 -10.33 -0.21
N GLY D 29 -1.75 -9.14 -0.69
CA GLY D 29 -2.98 -8.51 -0.30
C GLY D 29 -3.21 -7.15 -0.94
N PRO D 30 -4.45 -6.67 -0.86
CA PRO D 30 -4.77 -5.34 -1.38
C PRO D 30 -4.06 -4.26 -0.59
N VAL D 31 -4.02 -3.07 -1.20
CA VAL D 31 -3.31 -1.90 -0.69
C VAL D 31 -4.14 -0.68 -1.02
N GLY D 32 -4.09 0.33 -0.14
CA GLY D 32 -4.60 1.66 -0.46
C GLY D 32 -6.07 1.76 -0.79
N ASP D 33 -6.87 0.81 -0.35
CA ASP D 33 -8.30 0.67 -0.63
C ASP D 33 -8.58 0.37 -2.08
N ASP D 34 -7.59 -0.03 -2.85
CA ASP D 34 -7.84 -0.49 -4.20
C ASP D 34 -7.71 -2.00 -4.18
N MET D 35 -8.85 -2.68 -4.18
CA MET D 35 -8.84 -4.14 -4.25
C MET D 35 -8.20 -4.66 -5.53
N PHE D 36 -7.96 -3.80 -6.52
CA PHE D 36 -7.27 -4.21 -7.75
C PHE D 36 -5.77 -3.99 -7.69
N HIS D 37 -5.27 -3.39 -6.61
CA HIS D 37 -3.84 -3.13 -6.44
C HIS D 37 -3.36 -3.92 -5.22
N TRP D 38 -2.47 -4.88 -5.46
CA TRP D 38 -1.91 -5.70 -4.41
C TRP D 38 -0.41 -5.46 -4.28
N GLN D 39 0.11 -5.72 -3.08
CA GLN D 39 1.54 -5.85 -2.83
C GLN D 39 1.80 -7.27 -2.39
N ALA D 40 2.94 -7.82 -2.76
CA ALA D 40 3.28 -9.17 -2.38
C ALA D 40 4.74 -9.24 -1.93
N THR D 41 5.01 -10.13 -0.99
CA THR D 41 6.37 -10.39 -0.56
C THR D 41 6.70 -11.82 -0.91
N ILE D 42 7.79 -12.01 -1.66
CA ILE D 42 8.31 -13.30 -2.03
C ILE D 42 9.62 -13.50 -1.28
N MET D 43 9.73 -14.63 -0.59
CA MET D 43 11.00 -14.99 0.04
C MET D 43 11.92 -15.60 -1.01
N GLY D 44 13.16 -15.14 -1.02
CA GLY D 44 14.16 -15.71 -1.89
C GLY D 44 14.32 -17.19 -1.64
N PRO D 45 14.19 -17.98 -2.69
CA PRO D 45 14.17 -19.44 -2.53
C PRO D 45 15.44 -19.98 -1.89
N ASN D 46 15.29 -21.03 -1.09
CA ASN D 46 16.45 -21.69 -0.51
C ASN D 46 17.31 -22.28 -1.62
N ASP D 47 18.61 -22.37 -1.34
CA ASP D 47 19.60 -22.95 -2.25
C ASP D 47 19.78 -22.14 -3.54
N SER D 48 19.40 -20.87 -3.54
CA SER D 48 19.58 -19.97 -4.67
C SER D 48 20.35 -18.76 -4.15
N PRO D 49 20.98 -17.99 -5.03
CA PRO D 49 21.68 -16.80 -4.53
C PRO D 49 20.74 -15.76 -3.93
N TYR D 50 19.42 -15.93 -4.06
CA TYR D 50 18.48 -15.00 -3.46
C TYR D 50 18.09 -15.43 -2.04
N GLN D 51 18.68 -16.51 -1.54
CA GLN D 51 18.34 -17.01 -0.22
C GLN D 51 18.55 -15.92 0.82
N GLY D 52 17.60 -15.81 1.74
CA GLY D 52 17.62 -14.82 2.79
C GLY D 52 16.98 -13.50 2.45
N GLY D 53 16.72 -13.24 1.17
CA GLY D 53 16.20 -11.95 0.76
C GLY D 53 14.68 -11.89 0.79
N VAL D 54 14.16 -10.68 0.94
CA VAL D 54 12.72 -10.44 0.82
C VAL D 54 12.49 -9.50 -0.35
N PHE D 55 11.65 -9.91 -1.28
CA PHE D 55 11.44 -9.19 -2.53
C PHE D 55 9.99 -8.75 -2.63
N PHE D 56 9.78 -7.47 -2.91
CA PHE D 56 8.43 -6.91 -2.97
C PHE D 56 7.94 -6.81 -4.42
N LEU D 57 6.64 -7.05 -4.60
CA LEU D 57 6.00 -7.06 -5.92
C LEU D 57 4.74 -6.23 -5.91
N THR D 58 4.48 -5.55 -7.02
CA THR D 58 3.23 -4.84 -7.24
C THR D 58 2.40 -5.60 -8.26
N ILE D 59 1.11 -5.81 -7.93
CA ILE D 59 0.15 -6.58 -8.72
C ILE D 59 -1.01 -5.66 -9.04
N HIS D 60 -1.37 -5.57 -10.30
CA HIS D 60 -2.58 -4.84 -10.69
C HIS D 60 -3.50 -5.83 -11.39
N PHE D 61 -4.75 -5.93 -10.95
CA PHE D 61 -5.69 -6.79 -11.65
C PHE D 61 -6.49 -6.00 -12.67
N PRO D 62 -6.58 -6.49 -13.92
CA PRO D 62 -7.45 -5.77 -14.85
C PRO D 62 -8.91 -5.79 -14.43
N THR D 63 -9.68 -4.85 -14.98
CA THR D 63 -11.11 -4.86 -14.65
C THR D 63 -11.82 -6.09 -15.18
N ASP D 64 -11.22 -6.82 -16.14
CA ASP D 64 -11.76 -8.06 -16.68
C ASP D 64 -11.09 -9.30 -16.11
N TYR D 65 -10.44 -9.19 -14.97
CA TYR D 65 -9.87 -10.37 -14.33
C TYR D 65 -11.02 -11.32 -13.95
N PRO D 66 -10.83 -12.64 -14.08
CA PRO D 66 -9.65 -13.42 -14.40
C PRO D 66 -9.48 -13.70 -15.89
N PHE D 67 -10.28 -13.02 -16.72
CA PHE D 67 -10.28 -13.32 -18.15
C PHE D 67 -9.09 -12.70 -18.87
N LYS D 68 -8.56 -11.61 -18.36
CA LYS D 68 -7.27 -11.07 -18.75
C LYS D 68 -6.31 -11.24 -17.58
N PRO D 69 -5.01 -11.37 -17.85
CA PRO D 69 -4.05 -11.66 -16.78
C PRO D 69 -3.76 -10.40 -15.98
N PRO D 70 -3.32 -10.58 -14.74
CA PRO D 70 -2.81 -9.45 -13.95
C PRO D 70 -1.47 -8.98 -14.50
N LYS D 71 -1.14 -7.75 -14.12
CA LYS D 71 0.18 -7.18 -14.42
C LYS D 71 1.01 -7.19 -13.15
N VAL D 72 2.22 -7.73 -13.23
CA VAL D 72 3.05 -7.94 -12.05
C VAL D 72 4.43 -7.36 -12.32
N ALA D 73 4.97 -6.62 -11.35
CA ALA D 73 6.34 -6.10 -11.47
C ALA D 73 7.03 -6.10 -10.12
N PHE D 74 8.31 -6.47 -10.10
CA PHE D 74 9.09 -6.30 -8.87
C PHE D 74 9.32 -4.82 -8.57
N THR D 75 9.33 -4.49 -7.29
CA THR D 75 9.76 -3.18 -6.79
C THR D 75 11.09 -3.24 -6.06
N THR D 76 11.60 -4.44 -5.83
CA THR D 76 12.91 -4.65 -5.29
C THR D 76 13.85 -4.99 -6.43
N ARG D 77 15.03 -4.36 -6.43
CA ARG D 77 16.04 -4.70 -7.42
C ARG D 77 16.45 -6.15 -7.25
N ILE D 78 16.52 -6.89 -8.36
CA ILE D 78 16.96 -8.27 -8.33
C ILE D 78 17.82 -8.56 -9.56
N TYR D 79 18.91 -9.30 -9.35
CA TYR D 79 19.85 -9.66 -10.39
C TYR D 79 19.41 -10.99 -10.99
N HIS D 80 18.71 -10.91 -12.12
CA HIS D 80 18.14 -12.10 -12.70
C HIS D 80 17.94 -11.85 -14.18
N PRO D 81 18.30 -12.80 -15.04
CA PRO D 81 18.24 -12.55 -16.48
C PRO D 81 16.82 -12.32 -17.03
N ASN D 82 15.78 -12.68 -16.28
CA ASN D 82 14.42 -12.60 -16.78
C ASN D 82 13.61 -11.51 -16.10
N ILE D 83 14.25 -10.63 -15.35
CA ILE D 83 13.59 -9.57 -14.61
C ILE D 83 14.28 -8.26 -14.94
N ASN D 84 13.52 -7.29 -15.39
CA ASN D 84 14.06 -6.11 -16.02
C ASN D 84 14.39 -5.07 -14.94
N SER D 85 15.19 -4.07 -15.33
CA SER D 85 15.57 -3.02 -14.39
C SER D 85 14.35 -2.33 -13.79
N ASN D 86 13.21 -2.38 -14.47
CA ASN D 86 11.96 -1.79 -13.99
C ASN D 86 11.10 -2.76 -13.20
N GLY D 87 11.52 -4.00 -13.05
CA GLY D 87 10.76 -4.99 -12.31
C GLY D 87 9.90 -5.89 -13.15
N SER D 88 9.77 -5.60 -14.44
CA SER D 88 8.99 -6.42 -15.34
C SER D 88 9.59 -7.82 -15.44
N ILE D 89 8.71 -8.82 -15.55
CA ILE D 89 9.07 -10.24 -15.47
C ILE D 89 8.66 -10.91 -16.77
N LYS D 90 9.58 -11.69 -17.37
CA LYS D 90 9.21 -12.46 -18.55
C LYS D 90 8.77 -13.84 -18.07
N LEU D 91 7.47 -14.08 -18.08
CA LEU D 91 6.88 -15.24 -17.42
C LEU D 91 5.65 -15.65 -18.20
N ASP D 92 5.62 -16.91 -18.68
CA ASP D 92 4.57 -17.32 -19.59
C ASP D 92 3.20 -17.22 -18.94
N ILE D 93 3.11 -17.51 -17.65
CA ILE D 93 1.80 -17.63 -17.05
C ILE D 93 1.05 -16.31 -17.13
N LEU D 94 1.76 -15.19 -17.18
CA LEU D 94 1.15 -13.87 -17.26
C LEU D 94 0.84 -13.42 -18.67
N ARG D 95 1.32 -14.12 -19.68
CA ARG D 95 0.93 -13.80 -21.05
C ARG D 95 0.35 -14.99 -21.80
N SER D 96 1.19 -15.92 -22.25
CA SER D 96 0.73 -16.84 -23.28
C SER D 96 0.09 -18.09 -22.70
N GLN D 97 0.36 -18.39 -21.43
CA GLN D 97 -0.25 -19.53 -20.78
C GLN D 97 -1.31 -19.14 -19.76
N TRP D 98 -1.70 -17.88 -19.73
CA TRP D 98 -2.79 -17.44 -18.87
C TRP D 98 -4.08 -18.13 -19.25
N SER D 99 -4.78 -18.61 -18.22
CA SER D 99 -6.13 -19.14 -18.23
C SER D 99 -6.94 -18.42 -17.15
N PRO D 100 -8.23 -18.17 -17.38
CA PRO D 100 -9.05 -17.58 -16.31
C PRO D 100 -9.26 -18.52 -15.13
N ALA D 101 -8.82 -19.78 -15.21
CA ALA D 101 -8.83 -20.68 -14.06
C ALA D 101 -7.68 -20.42 -13.11
N LEU D 102 -6.61 -19.78 -13.57
CA LEU D 102 -5.45 -19.53 -12.73
C LEU D 102 -5.74 -18.45 -11.70
N THR D 103 -4.97 -18.49 -10.63
CA THR D 103 -5.10 -17.58 -9.52
C THR D 103 -3.76 -16.93 -9.24
N ILE D 104 -3.81 -15.86 -8.44
CA ILE D 104 -2.59 -15.11 -8.15
C ILE D 104 -1.59 -15.97 -7.39
N SER D 105 -2.06 -16.96 -6.62
CA SER D 105 -1.12 -17.86 -5.93
C SER D 105 -0.29 -18.62 -6.93
N LYS D 106 -0.93 -19.16 -7.98
CA LYS D 106 -0.19 -19.90 -8.99
C LYS D 106 0.81 -19.00 -9.72
N VAL D 107 0.46 -17.73 -9.89
CA VAL D 107 1.38 -16.77 -10.47
C VAL D 107 2.60 -16.59 -9.57
N LEU D 108 2.38 -16.38 -8.27
CA LEU D 108 3.49 -16.17 -7.35
C LEU D 108 4.38 -17.40 -7.29
N LEU D 109 3.76 -18.59 -7.33
CA LEU D 109 4.56 -19.82 -7.38
C LEU D 109 5.40 -19.88 -8.64
N SER D 110 4.85 -19.45 -9.78
CA SER D 110 5.65 -19.42 -10.99
C SER D 110 6.83 -18.49 -10.83
N ILE D 111 6.61 -17.34 -10.21
CA ILE D 111 7.69 -16.38 -10.05
C ILE D 111 8.81 -16.99 -9.22
N CYS D 112 8.47 -17.65 -8.11
CA CYS D 112 9.50 -18.32 -7.33
C CYS D 112 10.23 -19.38 -8.16
N SER D 113 9.47 -20.17 -8.92
CA SER D 113 10.09 -21.21 -9.72
C SER D 113 11.08 -20.59 -10.71
N LEU D 114 10.76 -19.40 -11.22
CA LEU D 114 11.65 -18.68 -12.11
C LEU D 114 12.91 -18.23 -11.36
N LEU D 115 12.75 -17.84 -10.10
CA LEU D 115 13.91 -17.43 -9.32
C LEU D 115 14.85 -18.61 -9.06
N CYS D 116 14.32 -19.83 -9.00
CA CYS D 116 15.23 -20.97 -8.89
C CYS D 116 15.91 -21.32 -10.21
N ASP D 117 15.19 -21.24 -11.32
CA ASP D 117 15.65 -21.75 -12.62
C ASP D 117 15.53 -20.65 -13.67
N PRO D 118 16.52 -19.77 -13.78
CA PRO D 118 16.46 -18.71 -14.79
C PRO D 118 16.46 -19.29 -16.19
N ASN D 119 15.96 -18.50 -17.14
CA ASN D 119 15.97 -18.90 -18.55
C ASN D 119 16.84 -17.94 -19.34
N PRO D 120 18.13 -18.26 -19.52
CA PRO D 120 19.05 -17.30 -20.15
C PRO D 120 18.88 -17.19 -21.65
N ASP D 121 18.14 -18.09 -22.29
CA ASP D 121 17.95 -18.02 -23.73
C ASP D 121 16.90 -17.01 -24.14
N ASP D 122 16.07 -16.54 -23.21
CA ASP D 122 15.03 -15.56 -23.50
C ASP D 122 15.09 -14.46 -22.46
N PRO D 123 16.13 -13.63 -22.50
CA PRO D 123 16.37 -12.68 -21.41
C PRO D 123 15.68 -11.34 -21.62
N LEU D 124 15.39 -10.69 -20.49
CA LEU D 124 15.08 -9.27 -20.54
C LEU D 124 16.33 -8.44 -20.37
N VAL D 125 17.36 -9.00 -19.75
CA VAL D 125 18.59 -8.25 -19.54
C VAL D 125 19.71 -9.09 -20.13
N PRO D 126 20.09 -8.88 -21.39
CA PRO D 126 21.07 -9.78 -22.03
C PRO D 126 22.39 -9.84 -21.28
N GLU D 127 22.83 -8.74 -20.66
CA GLU D 127 24.10 -8.73 -19.95
C GLU D 127 24.11 -9.78 -18.84
N ILE D 128 23.02 -9.86 -18.08
CA ILE D 128 22.94 -10.83 -16.99
C ILE D 128 22.87 -12.25 -17.52
N ALA D 129 22.17 -12.46 -18.63
CA ALA D 129 22.12 -13.78 -19.24
C ALA D 129 23.49 -14.25 -19.69
N ARG D 130 24.27 -13.34 -20.28
CA ARG D 130 25.63 -13.68 -20.70
C ARG D 130 26.48 -14.07 -19.51
N ILE D 131 26.41 -13.30 -18.41
CA ILE D 131 27.16 -13.67 -17.20
C ILE D 131 26.70 -15.03 -16.70
N TYR D 132 25.38 -15.26 -16.66
CA TYR D 132 24.84 -16.52 -16.17
C TYR D 132 25.37 -17.70 -16.96
N LYS D 133 25.51 -17.54 -18.28
CA LYS D 133 25.95 -18.64 -19.13
C LYS D 133 27.45 -18.80 -19.16
N THR D 134 28.21 -17.72 -18.93
CA THR D 134 29.65 -17.76 -19.14
C THR D 134 30.48 -17.60 -17.88
N ASP D 135 29.98 -16.92 -16.85
CA ASP D 135 30.71 -16.82 -15.58
C ASP D 135 29.71 -17.00 -14.45
N ARG D 136 29.38 -18.26 -14.16
CA ARG D 136 28.31 -18.53 -13.21
C ARG D 136 28.72 -18.14 -11.80
N GLU D 137 30.00 -18.29 -11.45
CA GLU D 137 30.48 -17.85 -10.15
C GLU D 137 30.26 -16.36 -9.97
N LYS D 138 30.55 -15.57 -11.01
CA LYS D 138 30.28 -14.14 -10.93
C LYS D 138 28.81 -13.88 -10.76
N TYR D 139 27.99 -14.64 -11.48
CA TYR D 139 26.54 -14.46 -11.39
C TYR D 139 26.04 -14.66 -9.97
N ASN D 140 26.40 -15.79 -9.35
CA ASN D 140 25.92 -16.06 -8.01
C ASN D 140 26.46 -15.04 -7.01
N ARG D 141 27.75 -14.67 -7.14
CA ARG D 141 28.32 -13.66 -6.26
C ARG D 141 27.54 -12.35 -6.34
N ILE D 142 27.31 -11.87 -7.56
CA ILE D 142 26.63 -10.59 -7.70
C ILE D 142 25.18 -10.69 -7.25
N ALA D 143 24.53 -11.83 -7.55
CA ALA D 143 23.16 -12.00 -7.10
C ALA D 143 23.07 -11.97 -5.58
N ARG D 144 23.99 -12.66 -4.90
CA ARG D 144 24.01 -12.59 -3.44
C ARG D 144 24.28 -11.17 -2.95
N GLU D 145 25.20 -10.46 -3.60
CA GLU D 145 25.52 -9.11 -3.15
C GLU D 145 24.31 -8.19 -3.32
N TRP D 146 23.61 -8.30 -4.45
CA TRP D 146 22.41 -7.49 -4.59
C TRP D 146 21.36 -7.91 -3.58
N THR D 147 21.24 -9.21 -3.28
CA THR D 147 20.26 -9.61 -2.29
C THR D 147 20.55 -8.96 -0.96
N GLN D 148 21.81 -8.99 -0.55
CA GLN D 148 22.17 -8.39 0.74
C GLN D 148 21.98 -6.88 0.73
N LYS D 149 22.18 -6.25 -0.43
CA LYS D 149 22.02 -4.79 -0.49
C LYS D 149 20.55 -4.38 -0.49
N TYR D 150 19.72 -5.03 -1.30
CA TYR D 150 18.41 -4.50 -1.61
C TYR D 150 17.25 -5.29 -1.01
N ALA D 151 17.45 -6.56 -0.66
CA ALA D 151 16.37 -7.40 -0.20
C ALA D 151 16.56 -7.92 1.22
N MET D 152 17.56 -7.41 1.95
CA MET D 152 17.75 -7.79 3.34
C MET D 152 17.85 -6.54 4.21
#